data_5KGS
#
_entry.id   5KGS
#
_cell.length_a   63.186
_cell.length_b   65.948
_cell.length_c   203.898
_cell.angle_alpha   90.000
_cell.angle_beta   90.000
_cell.angle_gamma   90.000
#
_symmetry.space_group_name_H-M   'P 21 21 21'
#
loop_
_entity.id
_entity.type
_entity.pdbx_description
1 polymer 'Adenosylmethionine-8-amino-7-oxononanoate aminotransferase'
2 non-polymer "PYRIDOXAL-5'-PHOSPHATE"
3 non-polymer 5-[4-(1,3-benzodioxol-5-ylcarbonyl)piperazin-1-yl]-2,3-dihydroinden-1-one
4 non-polymer 'TRIETHYLENE GLYCOL'
5 water water
#
_entity_poly.entity_id   1
_entity_poly.type   'polypeptide(L)'
_entity_poly.pdbx_seq_one_letter_code
;MGSSHHHHHHSSGLVPRGSHMAAATGGLTPEQIIAVDGAHLWHPYSSIGREAVSPVVAVAAHGAWLTLIRDGQPIEVLDA
MSSWWTAIHGHGHPALDQALTTQLRVMNHVMFGGLTHEPAARLAKLLVDITPAGLDTVFFSDSGSVSVEVAAKMALQYWR
GRGLPGKRRLMTWRGGYHGDTFLAMSICDPHGGMHSLWTDVLAAQVFAPQVPRDYDPAYSAAFEAQLAQHAGELAAVVVE
PVVQGAGGMRFHDPRYLHDLRDICRRYEVLLIFDEIATGFGRTGALFAADHAGVSPDIMCVGKALTGGYLSLAATLCTAD
VAHTISAGAAGALMHGPTFMANPLACAVSVASVELLLGQDWRTRITELAAGLTAGLDTARALPAVTDVRVCGAIGVIECD
RPVDLAVATPAALDRGVWLRPFRNLVYAMPPYICTPAEITQITSAMVEVARLVGSLP
;
_entity_poly.pdbx_strand_id   A,B
#
loop_
_chem_comp.id
_chem_comp.type
_chem_comp.name
_chem_comp.formula
6SR non-polymer 5-[4-(1,3-benzodioxol-5-ylcarbonyl)piperazin-1-yl]-2,3-dihydroinden-1-one 'C21 H20 N2 O4'
PGE non-polymer 'TRIETHYLENE GLYCOL' 'C6 H14 O4'
PLP non-polymer PYRIDOXAL-5'-PHOSPHATE 'C8 H10 N O6 P'
#
# COMPACT_ATOMS: atom_id res chain seq x y z
N LEU A 28 -9.02 -1.66 26.54
CA LEU A 28 -7.76 -2.32 26.95
C LEU A 28 -6.87 -1.41 27.80
N THR A 29 -6.28 -1.97 28.86
CA THR A 29 -5.25 -1.27 29.61
C THR A 29 -3.90 -1.44 28.93
N PRO A 30 -2.92 -0.60 29.26
CA PRO A 30 -1.56 -0.82 28.76
C PRO A 30 -1.02 -2.23 28.96
N GLU A 31 -1.24 -2.83 30.14
CA GLU A 31 -0.79 -4.20 30.36
C GLU A 31 -1.50 -5.18 29.43
N GLN A 32 -2.80 -4.97 29.19
CA GLN A 32 -3.53 -5.81 28.24
C GLN A 32 -3.06 -5.57 26.80
N ILE A 33 -2.74 -4.32 26.45
CA ILE A 33 -2.18 -4.03 25.12
C ILE A 33 -0.87 -4.80 24.92
N ILE A 34 0.07 -4.67 25.86
CA ILE A 34 1.36 -5.34 25.72
C ILE A 34 1.18 -6.85 25.60
N ALA A 35 0.23 -7.41 26.37
CA ALA A 35 -0.02 -8.85 26.31
C ALA A 35 -0.61 -9.27 24.97
N VAL A 36 -1.64 -8.55 24.50
CA VAL A 36 -2.19 -8.84 23.17
C VAL A 36 -1.10 -8.71 22.12
N ASP A 37 -0.31 -7.62 22.22
CA ASP A 37 0.72 -7.30 21.23
C ASP A 37 1.77 -8.41 21.16
N GLY A 38 2.31 -8.81 22.30
CA GLY A 38 3.33 -9.85 22.30
C GLY A 38 2.86 -11.18 21.73
N ALA A 39 1.57 -11.50 21.87
CA ALA A 39 1.06 -12.75 21.32
C ALA A 39 0.75 -12.65 19.82
N HIS A 40 0.19 -11.53 19.36
CA HIS A 40 -0.47 -11.50 18.05
C HIS A 40 0.05 -10.49 17.04
N LEU A 41 0.91 -9.55 17.42
CA LEU A 41 1.20 -8.42 16.55
C LEU A 41 2.62 -8.50 16.00
N TRP A 42 2.74 -8.49 14.67
CA TRP A 42 4.04 -8.25 14.04
C TRP A 42 4.36 -6.76 14.07
N HIS A 43 5.64 -6.44 14.18
CA HIS A 43 6.09 -5.05 14.08
C HIS A 43 7.04 -4.92 12.89
N PRO A 44 7.47 -3.70 12.53
CA PRO A 44 8.40 -3.57 11.39
C PRO A 44 9.70 -4.35 11.63
N TYR A 45 10.04 -5.22 10.69
CA TYR A 45 11.27 -6.01 10.73
C TYR A 45 11.47 -6.66 12.10
N SER A 46 10.46 -7.38 12.56
CA SER A 46 10.48 -7.90 13.92
C SER A 46 10.15 -9.39 13.91
N SER A 47 10.21 -9.96 15.11
CA SER A 47 9.87 -11.36 15.34
C SER A 47 8.54 -11.41 16.07
N ILE A 48 8.00 -12.62 16.18
CA ILE A 48 6.97 -12.91 17.17
C ILE A 48 7.63 -13.70 18.28
N GLY A 49 7.51 -13.21 19.52
CA GLY A 49 7.97 -13.94 20.67
C GLY A 49 9.45 -13.85 20.98
N ARG A 50 10.27 -13.21 20.14
CA ARG A 50 11.70 -13.14 20.41
C ARG A 50 12.19 -11.70 20.48
N GLU A 51 11.31 -10.75 20.74
CA GLU A 51 11.70 -9.36 20.80
C GLU A 51 12.53 -9.12 22.06
N ALA A 52 13.72 -8.51 21.87
CA ALA A 52 14.61 -8.22 22.99
C ALA A 52 13.95 -7.29 23.99
N VAL A 53 13.10 -6.39 23.52
CA VAL A 53 12.45 -5.40 24.36
C VAL A 53 11.00 -5.28 23.90
N SER A 54 10.06 -5.23 24.84
CA SER A 54 8.68 -4.94 24.51
C SER A 54 8.59 -3.58 23.83
N PRO A 55 7.64 -3.40 22.91
CA PRO A 55 7.33 -2.06 22.45
C PRO A 55 6.74 -1.24 23.59
N VAL A 56 6.79 0.07 23.43
CA VAL A 56 6.26 1.01 24.42
C VAL A 56 4.85 1.40 24.01
N VAL A 57 3.93 1.39 24.96
CA VAL A 57 2.54 1.71 24.65
C VAL A 57 2.38 3.21 24.46
N ALA A 58 1.94 3.61 23.27
CA ALA A 58 1.61 5.00 22.98
C ALA A 58 0.11 5.18 23.17
N VAL A 59 -0.28 6.22 23.91
CA VAL A 59 -1.69 6.46 24.21
C VAL A 59 -2.21 7.76 23.60
N ALA A 60 -1.34 8.65 23.14
CA ALA A 60 -1.72 9.94 22.59
C ALA A 60 -0.53 10.56 21.88
N ALA A 61 -0.82 11.52 21.00
CA ALA A 61 0.20 12.25 20.26
C ALA A 61 -0.38 13.58 19.84
N HIS A 62 0.23 14.68 20.26
CA HIS A 62 -0.23 16.02 19.91
C HIS A 62 0.99 16.89 19.70
N GLY A 63 0.97 17.68 18.63
CA GLY A 63 2.13 18.51 18.31
C GLY A 63 3.36 17.65 18.09
N ALA A 64 4.50 18.15 18.56
CA ALA A 64 5.76 17.41 18.45
C ALA A 64 5.89 16.33 19.52
N TRP A 65 4.87 16.11 20.33
CA TRP A 65 4.98 15.26 21.50
C TRP A 65 4.11 14.02 21.36
N LEU A 66 4.67 12.89 21.79
CA LEU A 66 3.94 11.66 22.03
C LEU A 66 3.75 11.48 23.52
N THR A 67 2.65 10.83 23.90
CA THR A 67 2.42 10.42 25.28
C THR A 67 2.61 8.91 25.31
N LEU A 68 3.65 8.47 26.02
CA LEU A 68 3.97 7.06 26.17
C LEU A 68 3.75 6.58 27.61
N ILE A 69 3.70 5.27 27.78
CA ILE A 69 3.53 4.65 29.10
C ILE A 69 4.88 4.08 29.56
N ARG A 70 5.49 4.72 30.55
CA ARG A 70 6.70 4.23 31.18
C ARG A 70 6.43 4.05 32.66
N ASP A 71 6.79 2.88 33.21
CA ASP A 71 6.49 2.53 34.60
C ASP A 71 4.99 2.56 34.90
N GLY A 72 4.16 2.33 33.87
CA GLY A 72 2.72 2.39 34.04
C GLY A 72 2.10 3.77 33.99
N GLN A 73 2.89 4.82 33.89
CA GLN A 73 2.40 6.19 33.93
C GLN A 73 2.57 6.90 32.60
N PRO A 74 1.59 7.73 32.21
CA PRO A 74 1.74 8.51 30.97
C PRO A 74 2.84 9.57 31.12
N ILE A 75 3.77 9.55 30.17
CA ILE A 75 4.82 10.57 30.07
C ILE A 75 4.81 11.14 28.66
N GLU A 76 5.20 12.41 28.55
CA GLU A 76 5.25 13.10 27.27
C GLU A 76 6.69 13.21 26.79
N VAL A 77 6.96 12.79 25.56
CA VAL A 77 8.31 12.83 25.00
C VAL A 77 8.26 13.36 23.58
N LEU A 78 9.36 13.96 23.14
CA LEU A 78 9.43 14.52 21.80
C LEU A 78 9.57 13.42 20.75
N ASP A 79 8.76 13.52 19.70
CA ASP A 79 8.80 12.60 18.55
C ASP A 79 9.94 13.06 17.64
N ALA A 80 11.15 12.72 18.05
CA ALA A 80 12.34 13.13 17.33
C ALA A 80 12.42 12.53 15.93
N MET A 81 11.71 11.41 15.70
CA MET A 81 11.73 10.73 14.41
C MET A 81 10.62 11.18 13.47
N SER A 82 9.79 12.14 13.90
CA SER A 82 8.57 12.51 13.19
C SER A 82 7.78 11.27 12.80
N SER A 83 7.77 10.27 13.68
CA SER A 83 7.03 9.03 13.45
C SER A 83 7.39 8.44 12.09
N TRP A 84 8.70 8.23 11.92
CA TRP A 84 9.27 7.69 10.69
C TRP A 84 9.00 8.59 9.48
N TRP A 85 9.44 9.85 9.61
CA TRP A 85 9.48 10.88 8.57
C TRP A 85 8.12 11.51 8.30
N THR A 86 7.03 11.02 8.92
CA THR A 86 5.69 11.39 8.47
C THR A 86 5.19 12.72 9.06
N ALA A 87 5.39 12.96 10.36
CA ALA A 87 4.66 14.01 11.07
C ALA A 87 5.32 15.39 10.95
N ILE A 88 5.38 15.90 9.71
CA ILE A 88 6.13 17.14 9.46
C ILE A 88 5.47 18.35 10.12
N HIS A 89 4.15 18.32 10.33
CA HIS A 89 3.42 19.38 11.01
C HIS A 89 3.08 19.03 12.45
N GLY A 90 3.69 17.98 12.99
CA GLY A 90 3.29 17.47 14.28
C GLY A 90 1.97 16.72 14.20
N HIS A 91 1.68 15.96 15.24
CA HIS A 91 0.42 15.24 15.27
C HIS A 91 -0.70 16.18 15.68
N GLY A 92 -1.90 15.90 15.17
CA GLY A 92 -3.09 16.63 15.59
C GLY A 92 -3.08 18.09 15.24
N HIS A 93 -2.47 18.47 14.13
CA HIS A 93 -2.52 19.86 13.72
C HIS A 93 -3.97 20.25 13.44
N PRO A 94 -4.48 21.31 14.06
CA PRO A 94 -5.92 21.61 13.93
C PRO A 94 -6.37 21.81 12.50
N ALA A 95 -5.52 22.38 11.64
CA ALA A 95 -5.91 22.54 10.24
C ALA A 95 -6.10 21.19 9.57
N LEU A 96 -5.27 20.21 9.92
CA LEU A 96 -5.34 18.93 9.24
C LEU A 96 -6.46 18.07 9.80
N ASP A 97 -6.62 18.08 11.14
CA ASP A 97 -7.79 17.44 11.76
C ASP A 97 -9.08 17.94 11.13
N GLN A 98 -9.16 19.25 10.88
CA GLN A 98 -10.40 19.83 10.37
C GLN A 98 -10.61 19.52 8.89
N ALA A 99 -9.54 19.45 8.11
CA ALA A 99 -9.70 19.03 6.71
C ALA A 99 -10.23 17.60 6.62
N LEU A 100 -9.72 16.72 7.48
CA LEU A 100 -10.21 15.35 7.53
C LEU A 100 -11.69 15.31 7.89
N THR A 101 -12.06 15.99 8.98
CA THR A 101 -13.44 15.92 9.44
C THR A 101 -14.39 16.57 8.44
N THR A 102 -13.96 17.68 7.81
CA THR A 102 -14.76 18.30 6.76
C THR A 102 -15.09 17.31 5.65
N GLN A 103 -14.07 16.63 5.11
CA GLN A 103 -14.28 15.69 4.03
C GLN A 103 -15.08 14.48 4.49
N LEU A 104 -14.88 14.06 5.74
CA LEU A 104 -15.67 12.96 6.30
C LEU A 104 -17.17 13.24 6.16
N ARG A 105 -17.58 14.50 6.32
CA ARG A 105 -19.00 14.87 6.25
C ARG A 105 -19.60 14.71 4.87
N VAL A 106 -18.78 14.71 3.82
CA VAL A 106 -19.29 14.80 2.46
C VAL A 106 -19.11 13.50 1.71
N MET A 107 -17.94 12.86 1.81
CA MET A 107 -17.66 11.65 1.04
C MET A 107 -16.43 10.94 1.59
N ASN A 108 -16.61 9.78 2.20
CA ASN A 108 -15.48 9.06 2.77
C ASN A 108 -14.58 8.49 1.68
N HIS A 109 -15.19 7.87 0.67
CA HIS A 109 -14.47 7.19 -0.40
C HIS A 109 -15.47 6.80 -1.48
N VAL A 110 -15.05 6.89 -2.75
CA VAL A 110 -15.71 6.24 -3.87
C VAL A 110 -14.62 5.64 -4.74
N MET A 111 -15.02 4.67 -5.57
CA MET A 111 -14.07 4.03 -6.46
C MET A 111 -13.60 4.99 -7.55
N PHE A 112 -12.32 4.90 -7.89
CA PHE A 112 -11.74 5.76 -8.91
C PHE A 112 -11.88 5.19 -10.30
N GLY A 113 -12.43 3.98 -10.43
CA GLY A 113 -12.71 3.45 -11.75
C GLY A 113 -14.01 4.00 -12.30
N GLY A 114 -13.94 4.99 -13.18
CA GLY A 114 -15.12 5.59 -13.78
C GLY A 114 -15.60 6.87 -13.12
N LEU A 115 -15.00 7.25 -11.99
CA LEU A 115 -15.38 8.42 -11.22
C LEU A 115 -14.15 9.25 -10.91
N THR A 116 -14.32 10.57 -10.80
CA THR A 116 -13.29 11.41 -10.22
C THR A 116 -13.93 12.29 -9.15
N HIS A 117 -13.11 13.07 -8.45
CA HIS A 117 -13.63 13.90 -7.37
C HIS A 117 -12.68 15.05 -7.08
N GLU A 118 -13.16 15.98 -6.26
CA GLU A 118 -12.46 17.24 -6.03
C GLU A 118 -11.19 17.05 -5.20
N PRO A 119 -11.16 16.22 -4.15
CA PRO A 119 -9.85 16.04 -3.47
C PRO A 119 -8.75 15.52 -4.38
N ALA A 120 -9.07 14.64 -5.32
CA ALA A 120 -8.06 14.11 -6.22
C ALA A 120 -7.60 15.16 -7.22
N ALA A 121 -8.54 15.90 -7.81
CA ALA A 121 -8.16 16.96 -8.74
C ALA A 121 -7.36 18.03 -8.04
N ARG A 122 -7.80 18.44 -6.83
CA ARG A 122 -7.07 19.48 -6.11
C ARG A 122 -5.65 19.02 -5.78
N LEU A 123 -5.48 17.78 -5.31
CA LEU A 123 -4.14 17.32 -4.96
C LEU A 123 -3.26 17.17 -6.21
N ALA A 124 -3.80 16.59 -7.29
CA ALA A 124 -3.01 16.42 -8.51
C ALA A 124 -2.54 17.77 -9.04
N LYS A 125 -3.42 18.77 -9.05
CA LYS A 125 -3.01 20.09 -9.52
C LYS A 125 -1.89 20.67 -8.66
N LEU A 126 -2.01 20.53 -7.33
CA LEU A 126 -0.93 20.97 -6.45
C LEU A 126 0.37 20.27 -6.79
N LEU A 127 0.34 18.92 -6.85
CA LEU A 127 1.56 18.16 -7.01
C LEU A 127 2.23 18.47 -8.35
N VAL A 128 1.44 18.58 -9.42
CA VAL A 128 2.01 18.88 -10.73
C VAL A 128 2.70 20.23 -10.74
N ASP A 129 2.19 21.19 -9.96
CA ASP A 129 2.74 22.54 -10.00
C ASP A 129 3.96 22.71 -9.09
N ILE A 130 4.06 21.94 -8.00
CA ILE A 130 5.16 22.13 -7.06
C ILE A 130 6.31 21.15 -7.27
N THR A 131 6.13 20.10 -8.07
CA THR A 131 7.22 19.17 -8.32
C THR A 131 8.12 19.72 -9.42
N PRO A 132 9.32 19.15 -9.58
CA PRO A 132 10.22 19.63 -10.65
C PRO A 132 9.53 19.66 -12.00
N ALA A 133 9.93 20.64 -12.82
CA ALA A 133 9.21 20.96 -14.05
C ALA A 133 9.16 19.75 -14.98
N GLY A 134 7.96 19.49 -15.54
CA GLY A 134 7.76 18.43 -16.51
C GLY A 134 6.94 17.25 -16.01
N LEU A 135 6.78 17.10 -14.70
CA LEU A 135 6.01 15.98 -14.16
C LEU A 135 4.55 16.39 -14.17
N ASP A 136 3.80 15.88 -15.14
CA ASP A 136 2.49 16.43 -15.48
C ASP A 136 1.33 15.49 -15.19
N THR A 137 1.57 14.22 -14.87
CA THR A 137 0.50 13.28 -14.52
C THR A 137 0.80 12.59 -13.20
N VAL A 138 -0.27 12.23 -12.47
CA VAL A 138 -0.19 11.73 -11.10
C VAL A 138 -0.96 10.42 -10.98
N PHE A 139 -0.30 9.39 -10.47
CA PHE A 139 -0.88 8.09 -10.19
C PHE A 139 -0.86 7.92 -8.67
N PHE A 140 -2.05 7.91 -8.05
CA PHE A 140 -2.18 7.78 -6.60
C PHE A 140 -2.19 6.31 -6.19
N SER A 141 -1.46 6.00 -5.13
CA SER A 141 -1.49 4.67 -4.56
C SER A 141 -1.45 4.80 -3.04
N ASP A 142 -1.36 3.67 -2.37
CA ASP A 142 -1.55 3.68 -0.93
C ASP A 142 -0.26 3.58 -0.12
N SER A 143 0.88 3.30 -0.74
CA SER A 143 2.11 3.22 0.03
C SER A 143 3.32 3.52 -0.85
N GLY A 144 4.44 3.80 -0.17
CA GLY A 144 5.66 4.10 -0.90
C GLY A 144 6.13 2.94 -1.77
N SER A 145 6.11 1.72 -1.22
CA SER A 145 6.60 0.58 -1.99
C SER A 145 5.77 0.38 -3.25
N VAL A 146 4.45 0.57 -3.16
CA VAL A 146 3.60 0.42 -4.34
C VAL A 146 3.91 1.51 -5.36
N SER A 147 4.16 2.74 -4.90
CA SER A 147 4.46 3.82 -5.83
C SER A 147 5.77 3.57 -6.58
N VAL A 148 6.71 2.84 -5.95
CA VAL A 148 7.96 2.47 -6.63
C VAL A 148 7.70 1.38 -7.67
N GLU A 149 6.88 0.39 -7.35
CA GLU A 149 6.54 -0.62 -8.34
C GLU A 149 5.81 0.02 -9.51
N VAL A 150 5.00 1.05 -9.24
CA VAL A 150 4.28 1.75 -10.29
C VAL A 150 5.24 2.46 -11.21
N ALA A 151 6.26 3.11 -10.63
CA ALA A 151 7.26 3.82 -11.42
C ALA A 151 8.01 2.85 -12.32
N ALA A 152 8.39 1.69 -11.77
CA ALA A 152 9.05 0.66 -12.56
C ALA A 152 8.14 0.17 -13.68
N LYS A 153 6.85 -0.09 -13.34
CA LYS A 153 5.88 -0.46 -14.35
C LYS A 153 5.73 0.63 -15.41
N MET A 154 5.72 1.89 -14.99
CA MET A 154 5.73 2.99 -15.94
C MET A 154 6.92 2.91 -16.88
N ALA A 155 8.13 2.70 -16.33
CA ALA A 155 9.33 2.68 -17.16
C ALA A 155 9.32 1.50 -18.14
N LEU A 156 8.89 0.33 -17.67
CA LEU A 156 8.89 -0.86 -18.51
C LEU A 156 7.89 -0.71 -19.65
N GLN A 157 6.66 -0.28 -19.34
CA GLN A 157 5.66 -0.08 -20.37
C GLN A 157 6.04 1.06 -21.31
N TYR A 158 6.82 2.03 -20.84
CA TYR A 158 7.32 3.09 -21.72
C TYR A 158 8.15 2.49 -22.85
N TRP A 159 9.20 1.75 -22.49
CA TRP A 159 10.09 1.15 -23.48
C TRP A 159 9.40 0.06 -24.30
N ARG A 160 8.45 -0.69 -23.73
CA ARG A 160 7.66 -1.60 -24.56
C ARG A 160 6.84 -0.81 -25.59
N GLY A 161 6.32 0.36 -25.20
CA GLY A 161 5.61 1.20 -26.14
C GLY A 161 6.50 1.91 -27.16
N ARG A 162 7.83 1.89 -26.96
CA ARG A 162 8.77 2.45 -27.92
C ARG A 162 9.40 1.38 -28.80
N GLY A 163 8.97 0.13 -28.66
CA GLY A 163 9.47 -0.96 -29.47
C GLY A 163 10.64 -1.74 -28.89
N LEU A 164 11.04 -1.47 -27.65
CA LEU A 164 12.28 -1.98 -27.09
C LEU A 164 12.03 -2.76 -25.79
N PRO A 165 11.41 -3.95 -25.88
CA PRO A 165 11.12 -4.71 -24.66
C PRO A 165 12.34 -5.23 -23.93
N GLY A 166 13.51 -5.25 -24.57
CA GLY A 166 14.72 -5.65 -23.84
C GLY A 166 15.08 -4.70 -22.72
N LYS A 167 14.65 -3.45 -22.77
CA LYS A 167 14.96 -2.46 -21.74
C LYS A 167 14.02 -2.72 -20.56
N ARG A 168 14.47 -3.58 -19.66
CA ARG A 168 13.64 -4.04 -18.57
C ARG A 168 14.37 -4.14 -17.23
N ARG A 169 15.67 -3.84 -17.19
CA ARG A 169 16.40 -3.89 -15.93
C ARG A 169 16.50 -2.49 -15.33
N LEU A 170 16.78 -2.45 -14.03
CA LEU A 170 16.94 -1.20 -13.31
C LEU A 170 18.39 -1.09 -12.85
N MET A 171 18.88 0.14 -12.79
CA MET A 171 20.20 0.43 -12.26
C MET A 171 20.09 1.39 -11.09
N THR A 172 20.98 1.23 -10.12
CA THR A 172 21.05 2.17 -9.01
C THR A 172 22.48 2.21 -8.48
N TRP A 173 22.71 3.11 -7.53
CA TRP A 173 23.93 3.06 -6.75
C TRP A 173 23.63 2.41 -5.40
N ARG A 174 24.67 1.87 -4.78
CA ARG A 174 24.48 1.15 -3.53
C ARG A 174 24.12 2.12 -2.41
N GLY A 175 23.68 1.56 -1.29
CA GLY A 175 23.23 2.33 -0.15
C GLY A 175 21.77 2.75 -0.15
N GLY A 176 20.99 2.38 -1.17
CA GLY A 176 19.64 2.88 -1.30
C GLY A 176 18.58 2.00 -0.61
N TYR A 177 17.40 2.58 -0.42
CA TYR A 177 16.24 1.89 0.08
C TYR A 177 15.04 2.38 -0.70
N HIS A 178 14.22 1.46 -1.20
CA HIS A 178 13.09 1.84 -2.03
C HIS A 178 11.80 1.12 -1.66
N GLY A 179 11.80 0.32 -0.59
CA GLY A 179 10.60 -0.32 -0.07
C GLY A 179 10.78 -1.81 0.08
N ASP A 180 9.67 -2.50 0.42
CA ASP A 180 9.70 -3.87 0.90
C ASP A 180 9.03 -4.88 -0.03
N THR A 181 8.28 -4.42 -1.03
CA THR A 181 7.77 -5.32 -2.05
C THR A 181 8.94 -5.84 -2.87
N PHE A 182 8.73 -6.98 -3.53
CA PHE A 182 9.87 -7.71 -4.09
C PHE A 182 10.61 -6.94 -5.19
N LEU A 183 9.90 -6.19 -6.04
CA LEU A 183 10.67 -5.42 -7.03
C LEU A 183 11.39 -4.26 -6.36
N ALA A 184 10.72 -3.57 -5.43
CA ALA A 184 11.37 -2.58 -4.58
C ALA A 184 12.62 -3.17 -3.91
N MET A 185 12.51 -4.36 -3.31
CA MET A 185 13.65 -5.00 -2.66
C MET A 185 14.84 -5.13 -3.61
N SER A 186 14.59 -5.39 -4.89
CA SER A 186 15.66 -5.68 -5.84
C SER A 186 16.61 -4.50 -6.10
N ILE A 187 16.20 -3.25 -5.82
CA ILE A 187 17.07 -2.09 -5.96
C ILE A 187 17.49 -1.52 -4.62
N CYS A 188 17.12 -2.16 -3.51
CA CYS A 188 17.66 -1.80 -2.21
C CYS A 188 19.11 -2.27 -2.09
N ASP A 189 19.89 -1.55 -1.27
CA ASP A 189 21.26 -1.95 -0.98
C ASP A 189 21.32 -3.44 -0.64
N PRO A 190 22.22 -4.21 -1.27
CA PRO A 190 22.24 -5.67 -1.00
C PRO A 190 22.55 -6.04 0.44
N HIS A 191 23.38 -5.26 1.13
CA HIS A 191 23.68 -5.60 2.51
C HIS A 191 22.60 -5.12 3.45
N GLY A 192 22.27 -3.83 3.38
CA GLY A 192 21.17 -3.31 4.17
C GLY A 192 19.90 -4.11 3.95
N GLY A 193 19.60 -4.46 2.70
CA GLY A 193 18.42 -5.22 2.36
C GLY A 193 18.58 -6.71 2.46
N MET A 194 19.73 -7.19 2.93
CA MET A 194 19.94 -8.59 3.29
C MET A 194 19.61 -9.52 2.13
N HIS A 195 20.12 -9.18 0.96
CA HIS A 195 19.81 -9.95 -0.23
C HIS A 195 20.35 -11.37 -0.15
N SER A 196 21.29 -11.62 0.77
CA SER A 196 21.80 -12.98 0.94
C SER A 196 20.69 -13.93 1.37
N LEU A 197 19.68 -13.43 2.08
CA LEU A 197 18.49 -14.21 2.45
C LEU A 197 17.59 -14.49 1.26
N TRP A 198 17.81 -13.85 0.12
CA TRP A 198 16.87 -13.89 -1.00
C TRP A 198 17.51 -14.41 -2.28
N THR A 199 18.60 -15.15 -2.15
CA THR A 199 19.28 -15.70 -3.32
C THR A 199 18.30 -16.50 -4.16
N ASP A 200 18.29 -16.22 -5.46
CA ASP A 200 17.46 -16.85 -6.49
C ASP A 200 16.01 -16.38 -6.47
N VAL A 201 15.65 -15.38 -5.65
CA VAL A 201 14.29 -14.87 -5.57
C VAL A 201 14.16 -13.50 -6.25
N LEU A 202 15.03 -12.56 -5.90
CA LEU A 202 14.90 -11.19 -6.39
C LEU A 202 15.36 -11.08 -7.84
N ALA A 203 14.73 -10.16 -8.59
CA ALA A 203 15.27 -9.76 -9.87
C ALA A 203 16.69 -9.24 -9.68
N ALA A 204 17.56 -9.55 -10.65
CA ALA A 204 18.97 -9.18 -10.55
C ALA A 204 19.20 -7.84 -11.23
N GLN A 205 19.49 -6.80 -10.45
CA GLN A 205 19.60 -5.45 -10.99
C GLN A 205 21.07 -5.04 -11.07
N VAL A 206 21.31 -3.86 -11.63
CA VAL A 206 22.66 -3.32 -11.85
C VAL A 206 22.99 -2.33 -10.75
N PHE A 207 24.04 -2.62 -9.98
CA PHE A 207 24.47 -1.74 -8.90
C PHE A 207 25.82 -1.10 -9.23
N ALA A 208 25.87 0.24 -9.14
CA ALA A 208 27.07 1.05 -9.10
C ALA A 208 27.59 1.13 -7.67
N PRO A 209 28.85 1.53 -7.45
CA PRO A 209 29.36 1.68 -6.08
C PRO A 209 28.59 2.74 -5.30
N GLN A 210 28.67 2.64 -3.97
CA GLN A 210 28.14 3.66 -3.08
C GLN A 210 28.49 5.07 -3.57
N VAL A 211 27.49 5.93 -3.64
CA VAL A 211 27.76 7.31 -4.07
C VAL A 211 28.45 8.06 -2.94
N PRO A 212 29.60 8.71 -3.21
CA PRO A 212 30.34 9.35 -2.11
C PRO A 212 29.66 10.63 -1.67
N ARG A 213 30.12 11.14 -0.53
CA ARG A 213 29.55 12.38 -0.01
C ARG A 213 29.97 13.57 -0.87
N ASP A 214 31.28 13.74 -1.07
CA ASP A 214 31.81 14.89 -1.77
C ASP A 214 31.85 14.62 -3.27
N TYR A 215 31.72 15.69 -4.06
CA TYR A 215 31.56 15.55 -5.50
C TYR A 215 32.89 15.20 -6.14
N ASP A 216 32.90 14.09 -6.87
CA ASP A 216 34.08 13.60 -7.57
C ASP A 216 33.66 13.20 -8.98
N PRO A 217 34.03 13.98 -10.00
CA PRO A 217 33.62 13.65 -11.37
C PRO A 217 34.01 12.26 -11.83
N ALA A 218 35.07 11.67 -11.24
CA ALA A 218 35.44 10.32 -11.61
C ALA A 218 34.39 9.29 -11.19
N TYR A 219 33.66 9.56 -10.09
CA TYR A 219 32.54 8.68 -9.75
C TYR A 219 31.49 8.69 -10.86
N SER A 220 31.19 9.88 -11.40
CA SER A 220 30.18 9.97 -12.45
C SER A 220 30.65 9.33 -13.74
N ALA A 221 31.93 9.42 -14.04
CA ALA A 221 32.42 8.77 -15.26
C ALA A 221 32.31 7.26 -15.13
N ALA A 222 32.57 6.71 -13.95
CA ALA A 222 32.50 5.26 -13.78
C ALA A 222 31.05 4.77 -13.81
N PHE A 223 30.12 5.56 -13.25
CA PHE A 223 28.70 5.25 -13.37
C PHE A 223 28.26 5.24 -14.83
N GLU A 224 28.69 6.24 -15.61
CA GLU A 224 28.31 6.31 -17.02
C GLU A 224 28.86 5.14 -17.81
N ALA A 225 30.11 4.75 -17.51
CA ALA A 225 30.72 3.62 -18.22
C ALA A 225 30.03 2.31 -17.88
N GLN A 226 29.64 2.14 -16.62
CA GLN A 226 28.88 0.95 -16.27
C GLN A 226 27.52 0.95 -16.95
N LEU A 227 26.79 2.08 -16.86
CA LEU A 227 25.49 2.19 -17.50
C LEU A 227 25.60 1.94 -19.01
N ALA A 228 26.67 2.43 -19.63
CA ALA A 228 26.80 2.34 -21.08
C ALA A 228 26.78 0.89 -21.56
N GLN A 229 27.51 0.02 -20.88
CA GLN A 229 27.52 -1.37 -21.30
C GLN A 229 26.22 -2.12 -20.97
N HIS A 230 25.32 -1.49 -20.20
CA HIS A 230 23.99 -2.07 -19.95
C HIS A 230 22.87 -1.29 -20.61
N ALA A 231 23.17 -0.16 -21.27
CA ALA A 231 22.12 0.78 -21.67
C ALA A 231 21.01 0.10 -22.46
N GLY A 232 21.37 -0.91 -23.27
CA GLY A 232 20.41 -1.59 -24.12
C GLY A 232 19.45 -2.48 -23.39
N GLU A 233 19.73 -2.81 -22.12
CA GLU A 233 18.82 -3.61 -21.31
C GLU A 233 18.29 -2.86 -20.09
N LEU A 234 18.53 -1.55 -19.98
CA LEU A 234 18.12 -0.80 -18.81
C LEU A 234 16.90 0.04 -19.13
N ALA A 235 15.85 -0.12 -18.32
CA ALA A 235 14.69 0.75 -18.43
C ALA A 235 14.93 2.09 -17.74
N ALA A 236 15.60 2.07 -16.59
CA ALA A 236 15.68 3.27 -15.78
C ALA A 236 16.76 3.12 -14.71
N VAL A 237 17.32 4.27 -14.34
CA VAL A 237 18.07 4.44 -13.11
C VAL A 237 17.11 4.90 -12.03
N VAL A 238 17.20 4.32 -10.84
CA VAL A 238 16.37 4.73 -9.72
C VAL A 238 17.26 5.06 -8.55
N VAL A 239 17.08 6.25 -7.98
CA VAL A 239 17.90 6.67 -6.84
C VAL A 239 17.09 7.57 -5.92
N GLU A 240 17.52 7.63 -4.66
CA GLU A 240 17.08 8.67 -3.73
C GLU A 240 17.95 9.90 -3.96
N PRO A 241 17.38 11.07 -4.26
CA PRO A 241 18.20 12.25 -4.52
C PRO A 241 18.67 12.91 -3.22
N VAL A 242 19.98 13.11 -3.12
CA VAL A 242 20.64 13.92 -2.08
C VAL A 242 20.80 13.15 -0.79
N VAL A 243 19.74 12.50 -0.32
CA VAL A 243 19.73 11.81 0.98
C VAL A 243 19.25 10.38 0.78
N GLN A 244 20.08 9.42 1.19
CA GLN A 244 19.69 8.02 1.28
C GLN A 244 19.29 7.75 2.72
N GLY A 245 18.07 7.24 2.93
CA GLY A 245 17.50 7.12 4.25
C GLY A 245 17.81 5.83 5.00
N ALA A 246 16.91 4.85 4.89
CA ALA A 246 17.04 3.62 5.68
C ALA A 246 18.30 2.83 5.35
N GLY A 247 18.87 3.03 4.18
CA GLY A 247 20.13 2.40 3.79
C GLY A 247 21.37 2.93 4.47
N GLY A 248 21.27 3.97 5.30
CA GLY A 248 22.43 4.45 6.04
C GLY A 248 22.45 5.93 6.40
N MET A 249 21.36 6.65 6.14
CA MET A 249 21.28 8.09 6.41
C MET A 249 22.51 8.81 5.86
N ARG A 250 22.83 8.58 4.58
CA ARG A 250 23.97 9.20 3.95
C ARG A 250 23.54 10.33 3.04
N PHE A 251 24.39 11.36 2.96
CA PHE A 251 24.16 12.53 2.11
C PHE A 251 25.21 12.56 1.01
N HIS A 252 24.81 13.04 -0.16
CA HIS A 252 25.73 13.12 -1.30
C HIS A 252 25.51 14.42 -2.05
N ASP A 253 26.55 14.87 -2.72
CA ASP A 253 26.49 16.15 -3.41
C ASP A 253 25.37 16.13 -4.46
N PRO A 254 24.53 17.16 -4.52
CA PRO A 254 23.48 17.19 -5.55
C PRO A 254 24.03 17.21 -6.97
N ARG A 255 25.29 17.60 -7.18
CA ARG A 255 25.82 17.59 -8.53
C ARG A 255 25.82 16.18 -9.12
N TYR A 256 25.79 15.15 -8.27
CA TYR A 256 25.66 13.78 -8.76
C TYR A 256 24.34 13.57 -9.50
N LEU A 257 23.28 14.23 -9.08
CA LEU A 257 21.98 14.09 -9.75
C LEU A 257 21.97 14.83 -11.09
N HIS A 258 22.66 15.96 -11.18
CA HIS A 258 22.85 16.62 -12.46
C HIS A 258 23.56 15.69 -13.43
N ASP A 259 24.59 14.99 -12.97
CA ASP A 259 25.30 14.05 -13.82
C ASP A 259 24.39 12.93 -14.30
N LEU A 260 23.55 12.39 -13.42
CA LEU A 260 22.65 11.31 -13.81
C LEU A 260 21.66 11.75 -14.87
N ARG A 261 21.07 12.94 -14.70
CA ARG A 261 20.14 13.45 -15.69
C ARG A 261 20.81 13.53 -17.07
N ASP A 262 22.08 13.92 -17.11
CA ASP A 262 22.82 14.00 -18.36
C ASP A 262 23.10 12.60 -18.93
N ILE A 263 23.58 11.69 -18.09
CA ILE A 263 23.90 10.33 -18.52
C ILE A 263 22.66 9.65 -19.08
N CYS A 264 21.55 9.72 -18.34
CA CYS A 264 20.31 9.07 -18.75
C CYS A 264 19.78 9.65 -20.06
N ARG A 265 19.76 10.97 -20.16
CA ARG A 265 19.40 11.64 -21.41
C ARG A 265 20.24 11.14 -22.59
N ARG A 266 21.56 11.10 -22.42
CA ARG A 266 22.42 10.77 -23.54
C ARG A 266 22.35 9.29 -23.90
N TYR A 267 22.06 8.43 -22.93
CA TYR A 267 22.03 6.99 -23.21
C TYR A 267 20.62 6.43 -23.34
N GLU A 268 19.59 7.28 -23.32
CA GLU A 268 18.19 6.85 -23.48
C GLU A 268 17.81 5.79 -22.46
N VAL A 269 17.90 6.19 -21.20
CA VAL A 269 17.46 5.43 -20.04
C VAL A 269 16.67 6.41 -19.19
N LEU A 270 15.49 6.01 -18.72
CA LEU A 270 14.69 6.92 -17.92
C LEU A 270 15.35 7.17 -16.56
N LEU A 271 15.09 8.35 -15.98
CA LEU A 271 15.57 8.66 -14.63
C LEU A 271 14.40 8.72 -13.65
N ILE A 272 14.47 7.91 -12.59
CA ILE A 272 13.43 7.89 -11.54
C ILE A 272 14.04 8.37 -10.23
N PHE A 273 13.49 9.46 -9.68
CA PHE A 273 13.85 9.90 -8.34
C PHE A 273 12.82 9.36 -7.35
N ASP A 274 13.31 8.78 -6.28
CA ASP A 274 12.48 8.30 -5.18
C ASP A 274 12.53 9.34 -4.07
N GLU A 275 11.54 10.23 -4.03
CA GLU A 275 11.48 11.30 -3.04
C GLU A 275 10.54 10.98 -1.89
N ILE A 276 10.38 9.69 -1.55
CA ILE A 276 9.37 9.26 -0.59
C ILE A 276 9.73 9.70 0.83
N ALA A 277 11.03 9.79 1.13
CA ALA A 277 11.49 10.34 2.41
C ALA A 277 12.00 11.76 2.29
N THR A 278 12.53 12.17 1.14
CA THR A 278 13.11 13.50 1.01
C THR A 278 12.11 14.59 0.63
N GLY A 279 10.86 14.24 0.36
CA GLY A 279 9.93 15.21 -0.18
C GLY A 279 9.49 16.25 0.84
N PHE A 280 8.78 17.26 0.33
CA PHE A 280 8.06 18.24 1.14
C PHE A 280 8.95 18.93 2.18
N GLY A 281 10.09 19.46 1.71
CA GLY A 281 10.94 20.37 2.47
C GLY A 281 11.97 19.75 3.38
N ARG A 282 12.03 18.41 3.48
CA ARG A 282 12.81 17.78 4.54
C ARG A 282 14.30 18.09 4.44
N THR A 283 14.83 18.19 3.22
CA THR A 283 16.27 18.40 3.04
C THR A 283 16.64 19.87 2.79
N GLY A 284 15.72 20.81 3.00
CA GLY A 284 16.00 22.21 2.75
C GLY A 284 15.42 22.75 1.45
N ALA A 285 15.14 21.88 0.50
CA ALA A 285 14.39 22.25 -0.68
C ALA A 285 13.04 21.52 -0.65
N LEU A 286 12.07 22.08 -1.37
CA LEU A 286 10.74 21.46 -1.43
C LEU A 286 10.85 19.98 -1.82
N PHE A 287 11.57 19.69 -2.89
CA PHE A 287 12.01 18.34 -3.22
C PHE A 287 13.53 18.35 -3.41
N ALA A 288 14.16 17.25 -3.03
CA ALA A 288 15.62 17.20 -3.05
C ALA A 288 16.18 17.37 -4.45
N ALA A 289 15.40 17.04 -5.49
CA ALA A 289 15.83 17.30 -6.86
C ALA A 289 16.15 18.77 -7.07
N ASP A 290 15.49 19.66 -6.31
CA ASP A 290 15.65 21.09 -6.54
C ASP A 290 17.02 21.58 -6.11
N HIS A 291 17.73 20.82 -5.25
CA HIS A 291 19.12 21.17 -4.94
C HIS A 291 20.00 21.06 -6.18
N ALA A 292 19.67 20.16 -7.09
CA ALA A 292 20.44 19.97 -8.31
C ALA A 292 19.81 20.67 -9.51
N GLY A 293 18.56 21.11 -9.40
CA GLY A 293 17.90 21.80 -10.49
C GLY A 293 17.56 20.91 -11.66
N VAL A 294 17.32 19.63 -11.42
CA VAL A 294 17.05 18.68 -12.49
C VAL A 294 15.67 18.06 -12.29
N SER A 295 15.07 17.66 -13.38
CA SER A 295 13.79 16.96 -13.36
C SER A 295 14.01 15.50 -13.70
N PRO A 296 13.51 14.56 -12.91
CA PRO A 296 13.47 13.17 -13.36
C PRO A 296 12.39 13.01 -14.42
N ASP A 297 12.34 11.82 -15.03
CA ASP A 297 11.22 11.47 -15.91
C ASP A 297 10.05 10.92 -15.10
N ILE A 298 10.34 10.25 -13.98
CA ILE A 298 9.36 9.70 -13.06
C ILE A 298 9.82 10.01 -11.64
N MET A 299 8.86 10.25 -10.75
CA MET A 299 9.10 10.71 -9.38
C MET A 299 8.11 10.09 -8.40
N CYS A 300 8.61 9.51 -7.30
CA CYS A 300 7.75 8.96 -6.25
C CYS A 300 7.78 9.84 -5.01
N VAL A 301 6.61 10.00 -4.38
CA VAL A 301 6.48 10.70 -3.11
C VAL A 301 5.52 9.92 -2.22
N GLY A 302 5.61 10.14 -0.91
CA GLY A 302 4.78 9.39 0.01
C GLY A 302 4.73 9.70 1.50
N LYS A 303 5.83 9.49 2.20
CA LYS A 303 5.80 9.47 3.70
C LYS A 303 5.18 10.70 4.32
N ALA A 304 5.56 11.90 3.88
CA ALA A 304 5.07 13.13 4.50
C ALA A 304 3.88 13.75 3.75
N LEU A 305 3.39 13.03 2.74
CA LEU A 305 2.41 13.60 1.82
C LEU A 305 1.12 14.00 2.53
N THR A 306 0.69 13.21 3.52
CA THR A 306 -0.53 13.49 4.28
C THR A 306 -0.22 14.12 5.62
N GLY A 307 0.99 14.62 5.83
CA GLY A 307 1.34 15.14 7.14
C GLY A 307 1.31 14.08 8.22
N GLY A 308 1.57 12.84 7.86
CA GLY A 308 1.65 11.81 8.86
C GLY A 308 0.32 11.30 9.37
N TYR A 309 -0.77 11.61 8.69
CA TYR A 309 -2.10 11.17 9.11
C TYR A 309 -2.49 9.80 8.55
N LEU A 310 -2.34 9.61 7.23
CA LEU A 310 -2.92 8.46 6.57
C LEU A 310 -1.96 7.96 5.50
N SER A 311 -2.13 6.68 5.15
CA SER A 311 -1.31 6.12 4.10
C SER A 311 -1.74 6.68 2.75
N LEU A 312 -0.77 7.17 1.98
CA LEU A 312 -1.00 7.69 0.64
C LEU A 312 0.36 7.92 -0.02
N ALA A 313 0.43 7.65 -1.31
CA ALA A 313 1.64 7.88 -2.09
C ALA A 313 1.21 8.28 -3.50
N ALA A 314 2.19 8.75 -4.27
CA ALA A 314 1.92 9.22 -5.62
C ALA A 314 3.13 8.92 -6.48
N THR A 315 2.87 8.54 -7.72
CA THR A 315 3.92 8.44 -8.72
C THR A 315 3.58 9.41 -9.83
N LEU A 316 4.55 10.27 -10.18
CA LEU A 316 4.36 11.28 -11.19
C LEU A 316 5.26 10.97 -12.39
N CYS A 317 4.78 11.28 -13.58
CA CYS A 317 5.61 11.12 -14.77
C CYS A 317 5.29 12.22 -15.76
N THR A 318 6.21 12.40 -16.69
CA THR A 318 6.10 13.41 -17.72
C THR A 318 4.99 13.04 -18.70
N ALA A 319 4.60 14.00 -19.53
CA ALA A 319 3.62 13.72 -20.57
C ALA A 319 4.16 12.75 -21.62
N ASP A 320 5.46 12.83 -21.92
CA ASP A 320 6.05 11.92 -22.89
C ASP A 320 5.92 10.46 -22.43
N VAL A 321 6.19 10.20 -21.15
CA VAL A 321 6.03 8.85 -20.62
C VAL A 321 4.57 8.42 -20.67
N ALA A 322 3.67 9.30 -20.26
CA ALA A 322 2.24 8.96 -20.23
C ALA A 322 1.69 8.72 -21.63
N HIS A 323 2.05 9.59 -22.59
CA HIS A 323 1.56 9.40 -23.96
C HIS A 323 2.10 8.11 -24.58
N THR A 324 3.37 7.78 -24.31
CA THR A 324 3.96 6.58 -24.89
C THR A 324 3.34 5.31 -24.33
N ILE A 325 3.10 5.27 -23.01
CA ILE A 325 2.38 4.13 -22.43
C ILE A 325 1.01 4.01 -23.06
N SER A 326 0.30 5.12 -23.22
CA SER A 326 -1.11 5.05 -23.63
C SER A 326 -1.25 4.71 -25.12
N ALA A 327 -0.24 5.05 -25.94
CA ALA A 327 -0.26 4.77 -27.37
C ALA A 327 0.34 3.42 -27.72
N GLY A 328 0.89 2.70 -26.75
CA GLY A 328 1.46 1.39 -26.99
C GLY A 328 0.42 0.29 -27.06
N ALA A 329 0.92 -0.94 -27.27
CA ALA A 329 0.05 -2.08 -27.53
C ALA A 329 -0.91 -2.35 -26.39
N ALA A 330 -0.49 -2.10 -25.14
CA ALA A 330 -1.42 -2.29 -24.03
C ALA A 330 -2.45 -1.17 -23.96
N GLY A 331 -2.08 0.06 -24.32
CA GLY A 331 -3.00 1.17 -24.33
C GLY A 331 -3.38 1.74 -22.97
N ALA A 332 -2.70 1.33 -21.91
CA ALA A 332 -2.99 1.84 -20.58
C ALA A 332 -1.84 1.46 -19.65
N LEU A 333 -1.85 2.04 -18.47
CA LEU A 333 -0.96 1.61 -17.40
C LEU A 333 -1.67 0.52 -16.60
N MET A 334 -1.07 -0.68 -16.56
CA MET A 334 -1.69 -1.87 -16.00
C MET A 334 -1.54 -1.92 -14.47
N HIS A 335 -2.18 -0.96 -13.81
CA HIS A 335 -2.15 -0.85 -12.35
C HIS A 335 -3.37 -0.06 -11.93
N GLY A 336 -3.87 -0.38 -10.73
CA GLY A 336 -5.00 0.31 -10.17
C GLY A 336 -5.43 -0.27 -8.82
N PRO A 337 -4.94 0.31 -7.73
CA PRO A 337 -5.30 -0.19 -6.40
C PRO A 337 -6.71 0.19 -6.00
N THR A 338 -7.29 -0.67 -5.16
CA THR A 338 -8.64 -0.49 -4.64
C THR A 338 -8.88 0.93 -4.13
N PHE A 339 -8.03 1.41 -3.23
CA PHE A 339 -8.24 2.71 -2.60
C PHE A 339 -7.56 3.84 -3.35
N MET A 340 -7.30 3.65 -4.65
CA MET A 340 -6.70 4.70 -5.48
C MET A 340 -7.39 6.03 -5.26
N ALA A 341 -6.59 7.07 -4.92
CA ALA A 341 -7.06 8.45 -4.84
C ALA A 341 -8.12 8.66 -3.76
N ASN A 342 -8.07 7.88 -2.68
CA ASN A 342 -8.99 7.97 -1.54
C ASN A 342 -9.30 9.41 -1.14
N PRO A 343 -10.58 9.82 -1.13
CA PRO A 343 -10.91 11.21 -0.78
C PRO A 343 -10.42 11.64 0.60
N LEU A 344 -10.54 10.79 1.62
CA LEU A 344 -10.06 11.21 2.94
C LEU A 344 -8.56 11.51 2.93
N ALA A 345 -7.75 10.60 2.37
CA ALA A 345 -6.31 10.82 2.36
C ALA A 345 -5.94 12.01 1.48
N CYS A 346 -6.62 12.17 0.34
CA CYS A 346 -6.28 13.29 -0.54
C CYS A 346 -6.65 14.62 0.08
N ALA A 347 -7.75 14.67 0.82
CA ALA A 347 -8.18 15.92 1.44
C ALA A 347 -7.16 16.40 2.46
N VAL A 348 -6.74 15.52 3.38
CA VAL A 348 -5.78 15.96 4.37
C VAL A 348 -4.43 16.24 3.72
N SER A 349 -4.10 15.54 2.63
CA SER A 349 -2.85 15.85 1.93
C SER A 349 -2.92 17.23 1.29
N VAL A 350 -4.07 17.61 0.75
CA VAL A 350 -4.19 18.96 0.19
C VAL A 350 -3.97 19.99 1.28
N ALA A 351 -4.57 19.76 2.45
CA ALA A 351 -4.37 20.66 3.58
C ALA A 351 -2.93 20.67 4.04
N SER A 352 -2.28 19.50 4.09
CA SER A 352 -0.89 19.45 4.56
C SER A 352 0.04 20.20 3.59
N VAL A 353 -0.15 19.98 2.29
CA VAL A 353 0.69 20.63 1.28
C VAL A 353 0.49 22.14 1.33
N GLU A 354 -0.76 22.60 1.31
CA GLU A 354 -1.01 24.05 1.34
C GLU A 354 -0.54 24.67 2.64
N LEU A 355 -0.58 23.91 3.74
CA LEU A 355 -0.07 24.41 5.02
C LEU A 355 1.43 24.66 4.95
N LEU A 356 2.17 23.74 4.34
CA LEU A 356 3.60 23.94 4.14
C LEU A 356 3.86 25.12 3.22
N LEU A 357 3.09 25.22 2.13
CA LEU A 357 3.34 26.25 1.14
C LEU A 357 2.91 27.62 1.60
N GLY A 358 2.02 27.69 2.59
CA GLY A 358 1.48 28.93 3.11
C GLY A 358 2.28 29.58 4.20
N GLN A 359 3.40 28.97 4.58
CA GLN A 359 4.35 29.53 5.51
C GLN A 359 5.73 29.62 4.85
N ASP A 360 6.67 30.27 5.54
CA ASP A 360 8.04 30.40 5.06
C ASP A 360 8.83 29.13 5.46
N TRP A 361 8.51 28.04 4.77
CA TRP A 361 9.09 26.75 5.14
C TRP A 361 10.60 26.75 4.98
N ARG A 362 11.12 27.45 3.97
CA ARG A 362 12.56 27.43 3.74
C ARG A 362 13.33 28.02 4.91
N THR A 363 12.85 29.13 5.47
CA THR A 363 13.45 29.66 6.70
C THR A 363 13.29 28.68 7.86
N ARG A 364 12.09 28.10 8.02
CA ARG A 364 11.85 27.17 9.13
C ARG A 364 12.81 25.99 9.07
N ILE A 365 13.06 25.45 7.88
CA ILE A 365 13.98 24.32 7.75
C ILE A 365 15.42 24.80 7.99
N THR A 366 15.74 26.01 7.55
CA THR A 366 17.08 26.55 7.79
C THR A 366 17.34 26.73 9.29
N GLU A 367 16.32 27.21 10.03
CA GLU A 367 16.45 27.34 11.48
C GLU A 367 16.64 25.99 12.15
N LEU A 368 15.93 24.97 11.67
CA LEU A 368 16.06 23.64 12.26
C LEU A 368 17.44 23.05 11.97
N ALA A 369 17.92 23.20 10.74
CA ALA A 369 19.25 22.70 10.40
C ALA A 369 20.33 23.34 11.25
N ALA A 370 20.21 24.66 11.49
CA ALA A 370 21.15 25.33 12.39
C ALA A 370 21.02 24.81 13.81
N GLY A 371 19.80 24.62 14.29
CA GLY A 371 19.63 24.07 15.64
C GLY A 371 20.22 22.68 15.76
N LEU A 372 20.10 21.88 14.71
CA LEU A 372 20.69 20.54 14.71
C LEU A 372 22.21 20.61 14.71
N THR A 373 22.80 21.51 13.93
CA THR A 373 24.26 21.56 13.83
C THR A 373 24.86 22.07 15.15
N ALA A 374 24.29 23.14 15.71
CA ALA A 374 24.76 23.67 16.97
C ALA A 374 24.59 22.65 18.09
N GLY A 375 23.48 21.91 18.09
CA GLY A 375 23.23 20.95 19.16
C GLY A 375 24.11 19.72 19.09
N LEU A 376 24.45 19.26 17.89
CA LEU A 376 25.19 18.00 17.75
C LEU A 376 26.70 18.18 17.64
N ASP A 377 27.17 19.43 17.52
CA ASP A 377 28.61 19.68 17.35
C ASP A 377 29.45 18.97 18.40
N THR A 378 29.05 19.05 19.67
CA THR A 378 29.84 18.47 20.75
C THR A 378 29.99 16.96 20.61
N ALA A 379 29.10 16.30 19.87
CA ALA A 379 29.27 14.86 19.64
C ALA A 379 30.56 14.55 18.87
N ARG A 380 31.09 15.52 18.11
CA ARG A 380 32.30 15.27 17.34
C ARG A 380 33.46 14.84 18.24
N ALA A 381 33.50 15.36 19.47
CA ALA A 381 34.56 15.07 20.42
C ALA A 381 34.45 13.69 21.05
N LEU A 382 33.26 13.10 21.06
CA LEU A 382 33.07 11.83 21.74
C LEU A 382 33.95 10.75 21.11
N PRO A 383 34.46 9.82 21.93
CA PRO A 383 35.47 8.87 21.42
C PRO A 383 34.93 7.82 20.48
N ALA A 384 33.62 7.59 20.44
CA ALA A 384 33.04 6.58 19.56
C ALA A 384 32.30 7.17 18.37
N VAL A 385 32.46 8.46 18.11
CA VAL A 385 31.75 9.15 17.02
C VAL A 385 32.71 9.34 15.85
N THR A 386 32.34 8.81 14.70
CA THR A 386 33.12 8.94 13.49
C THR A 386 32.64 10.04 12.56
N ASP A 387 31.38 10.46 12.68
CA ASP A 387 30.90 11.59 11.89
C ASP A 387 29.65 12.17 12.53
N VAL A 388 29.42 13.44 12.26
CA VAL A 388 28.17 14.12 12.57
C VAL A 388 27.84 14.97 11.35
N ARG A 389 26.65 14.78 10.80
CA ARG A 389 26.25 15.48 9.58
C ARG A 389 24.79 15.89 9.71
N VAL A 390 24.47 17.02 9.08
CA VAL A 390 23.14 17.58 9.10
C VAL A 390 22.79 17.97 7.67
N CYS A 391 21.53 17.79 7.31
CA CYS A 391 21.04 18.21 6.00
C CYS A 391 19.56 18.54 6.14
N GLY A 392 19.24 19.83 6.14
CA GLY A 392 17.88 20.24 6.41
C GLY A 392 17.47 19.81 7.80
N ALA A 393 16.22 19.33 7.92
CA ALA A 393 15.69 18.82 9.18
C ALA A 393 16.06 17.35 9.40
N ILE A 394 17.36 17.05 9.28
CA ILE A 394 17.92 15.72 9.46
C ILE A 394 19.26 15.88 10.17
N GLY A 395 19.44 15.19 11.28
CA GLY A 395 20.71 15.19 11.98
C GLY A 395 21.13 13.78 12.31
N VAL A 396 22.41 13.48 12.09
CA VAL A 396 22.94 12.13 12.21
C VAL A 396 24.22 12.15 13.02
N ILE A 397 24.32 11.24 13.99
CA ILE A 397 25.58 10.90 14.65
C ILE A 397 25.91 9.47 14.25
N GLU A 398 27.02 9.29 13.55
CA GLU A 398 27.48 7.97 13.18
C GLU A 398 28.57 7.54 14.16
N CYS A 399 28.45 6.32 14.66
CA CYS A 399 29.34 5.79 15.68
C CYS A 399 30.21 4.68 15.10
N ASP A 400 31.31 4.38 15.80
CA ASP A 400 32.21 3.31 15.38
C ASP A 400 31.72 1.93 15.78
N ARG A 401 30.73 1.86 16.67
CA ARG A 401 30.15 0.62 17.18
C ARG A 401 28.66 0.63 16.87
N PRO A 402 28.00 -0.53 16.94
CA PRO A 402 26.54 -0.51 16.85
C PRO A 402 25.95 0.06 18.13
N VAL A 403 24.83 0.76 17.97
CA VAL A 403 24.14 1.37 19.10
C VAL A 403 23.16 0.35 19.67
N ASP A 404 23.26 0.10 20.97
CA ASP A 404 22.48 -0.96 21.61
C ASP A 404 21.13 -0.39 22.02
N LEU A 405 20.07 -0.79 21.31
CA LEU A 405 18.74 -0.23 21.58
C LEU A 405 18.32 -0.44 23.03
N ALA A 406 18.73 -1.55 23.65
CA ALA A 406 18.39 -1.79 25.04
C ALA A 406 18.96 -0.71 25.96
N VAL A 407 20.03 -0.03 25.56
CA VAL A 407 20.57 1.08 26.34
C VAL A 407 20.09 2.42 25.81
N ALA A 408 20.08 2.59 24.49
CA ALA A 408 19.78 3.90 23.91
C ALA A 408 18.34 4.32 24.18
N THR A 409 17.37 3.45 23.89
CA THR A 409 15.98 3.89 23.94
C THR A 409 15.56 4.34 25.33
N PRO A 410 15.77 3.55 26.41
CA PRO A 410 15.48 4.11 27.74
C PRO A 410 16.28 5.36 28.06
N ALA A 411 17.53 5.45 27.59
CA ALA A 411 18.36 6.61 27.88
C ALA A 411 17.76 7.88 27.28
N ALA A 412 17.23 7.79 26.06
CA ALA A 412 16.59 8.96 25.46
C ALA A 412 15.23 9.22 26.09
N LEU A 413 14.49 8.16 26.42
CA LEU A 413 13.20 8.31 27.10
C LEU A 413 13.36 9.10 28.40
N ASP A 414 14.30 8.67 29.25
CA ASP A 414 14.55 9.37 30.51
C ASP A 414 14.89 10.83 30.31
N ARG A 415 15.19 11.26 29.09
CA ARG A 415 15.44 12.66 28.79
C ARG A 415 14.30 13.30 28.00
N GLY A 416 13.14 12.63 27.95
CA GLY A 416 11.96 13.21 27.33
C GLY A 416 11.94 13.15 25.82
N VAL A 417 12.67 12.23 25.20
CA VAL A 417 12.79 12.19 23.75
C VAL A 417 12.59 10.75 23.30
N TRP A 418 11.84 10.57 22.21
CA TRP A 418 11.71 9.29 21.54
C TRP A 418 12.71 9.28 20.38
N LEU A 419 13.76 8.48 20.52
CA LEU A 419 14.73 8.18 19.48
C LEU A 419 14.74 6.69 19.19
N ARG A 420 14.92 6.32 17.94
CA ARG A 420 15.08 4.91 17.57
C ARG A 420 16.33 4.78 16.71
N PRO A 421 17.48 4.53 17.33
CA PRO A 421 18.72 4.32 16.57
C PRO A 421 18.62 3.13 15.62
N PHE A 422 19.57 3.07 14.69
CA PHE A 422 19.62 2.01 13.70
C PHE A 422 21.07 1.67 13.40
N ARG A 423 21.44 0.40 13.56
CA ARG A 423 22.81 -0.06 13.37
C ARG A 423 23.76 0.78 14.22
N ASN A 424 24.58 1.61 13.58
CA ASN A 424 25.56 2.45 14.28
C ASN A 424 25.16 3.92 14.29
N LEU A 425 23.89 4.22 14.05
CA LEU A 425 23.45 5.60 13.80
C LEU A 425 22.50 6.07 14.88
N VAL A 426 22.77 7.26 15.42
CA VAL A 426 21.86 7.99 16.30
C VAL A 426 21.38 9.20 15.48
N TYR A 427 20.10 9.25 15.13
CA TYR A 427 19.65 10.27 14.19
C TYR A 427 18.23 10.73 14.51
N ALA A 428 17.88 11.90 13.97
CA ALA A 428 16.57 12.48 14.15
C ALA A 428 16.11 13.19 12.88
N MET A 429 14.79 13.19 12.66
CA MET A 429 14.13 13.96 11.61
C MET A 429 12.93 14.64 12.23
N PRO A 430 13.13 15.73 12.98
CA PRO A 430 12.07 16.25 13.87
C PRO A 430 10.96 16.94 13.09
N PRO A 431 9.77 17.08 13.69
CA PRO A 431 8.71 17.86 13.05
C PRO A 431 9.16 19.28 12.77
N TYR A 432 8.63 19.86 11.70
CA TYR A 432 9.03 21.20 11.29
C TYR A 432 8.63 22.26 12.32
N ILE A 433 7.73 21.91 13.25
CA ILE A 433 7.13 22.85 14.20
C ILE A 433 7.96 22.86 15.49
N CYS A 434 9.08 22.16 15.49
CA CYS A 434 9.88 22.09 16.71
C CYS A 434 10.45 23.47 17.03
N THR A 435 10.37 23.86 18.30
CA THR A 435 10.99 25.08 18.75
C THR A 435 12.47 24.86 19.06
N PRO A 436 13.25 25.95 19.12
CA PRO A 436 14.67 25.81 19.52
C PRO A 436 14.86 25.02 20.80
N ALA A 437 14.03 25.25 21.81
CA ALA A 437 14.15 24.48 23.05
C ALA A 437 13.86 23.00 22.81
N GLU A 438 12.89 22.69 21.94
CA GLU A 438 12.64 21.30 21.65
C GLU A 438 13.83 20.69 20.89
N ILE A 439 14.45 21.44 19.97
CA ILE A 439 15.61 20.92 19.24
C ILE A 439 16.79 20.70 20.17
N THR A 440 17.07 21.68 21.05
CA THR A 440 18.16 21.50 22.00
C THR A 440 17.91 20.29 22.89
N GLN A 441 16.65 20.06 23.27
CA GLN A 441 16.31 18.88 24.05
C GLN A 441 16.54 17.60 23.25
N ILE A 442 16.11 17.56 21.99
CA ILE A 442 16.34 16.38 21.14
C ILE A 442 17.85 16.13 20.97
N THR A 443 18.60 17.16 20.56
CA THR A 443 20.04 17.00 20.29
C THR A 443 20.81 16.67 21.57
N SER A 444 20.47 17.32 22.68
CA SER A 444 21.02 16.91 23.97
C SER A 444 20.81 15.42 24.23
N ALA A 445 19.62 14.91 23.93
CA ALA A 445 19.38 13.47 24.08
C ALA A 445 20.27 12.66 23.12
N MET A 446 20.42 13.13 21.88
CA MET A 446 21.25 12.43 20.90
C MET A 446 22.71 12.39 21.33
N VAL A 447 23.23 13.50 21.86
CA VAL A 447 24.61 13.53 22.32
C VAL A 447 24.82 12.50 23.42
N GLU A 448 23.87 12.42 24.36
CA GLU A 448 23.99 11.50 25.49
C GLU A 448 24.01 10.05 25.04
N VAL A 449 23.16 9.70 24.08
CA VAL A 449 23.14 8.33 23.56
C VAL A 449 24.51 7.97 22.99
N ALA A 450 25.12 8.91 22.26
CA ALA A 450 26.44 8.67 21.68
C ALA A 450 27.51 8.59 22.77
N ARG A 451 27.35 9.36 23.86
CA ARG A 451 28.26 9.26 25.00
C ARG A 451 28.19 7.88 25.66
N LEU A 452 26.98 7.32 25.77
CA LEU A 452 26.84 5.96 26.29
C LEU A 452 27.40 4.91 25.35
N VAL A 453 27.63 5.24 24.08
CA VAL A 453 28.17 4.26 23.14
C VAL A 453 29.66 4.03 23.41
N GLY A 454 30.43 5.11 23.46
CA GLY A 454 31.82 5.01 23.84
C GLY A 454 31.99 4.97 25.34
N SER A 455 31.53 3.89 25.99
CA SER A 455 31.69 3.72 27.42
C SER A 455 31.64 2.25 27.81
N LEU A 456 30.53 1.58 27.47
CA LEU A 456 30.29 0.19 27.79
C LEU A 456 30.42 -0.09 29.30
N GLY B 27 -11.30 24.96 -4.02
CA GLY B 27 -12.61 24.60 -4.51
C GLY B 27 -12.70 24.61 -6.02
N LEU B 28 -13.29 23.56 -6.61
CA LEU B 28 -13.38 23.42 -8.05
C LEU B 28 -14.80 23.07 -8.45
N THR B 29 -15.25 23.61 -9.57
CA THR B 29 -16.52 23.22 -10.15
C THR B 29 -16.36 21.89 -10.87
N PRO B 30 -17.47 21.21 -11.17
CA PRO B 30 -17.34 19.92 -11.86
C PRO B 30 -16.58 20.00 -13.17
N GLU B 31 -16.79 21.07 -13.96
CA GLU B 31 -16.05 21.22 -15.20
C GLU B 31 -14.57 21.47 -14.94
N GLN B 32 -14.23 22.19 -13.86
CA GLN B 32 -12.83 22.34 -13.48
C GLN B 32 -12.23 20.99 -13.07
N ILE B 33 -13.01 20.16 -12.38
CA ILE B 33 -12.51 18.85 -11.95
C ILE B 33 -12.23 17.97 -13.16
N ILE B 34 -13.22 17.84 -14.06
CA ILE B 34 -13.08 17.10 -15.31
C ILE B 34 -11.85 17.57 -16.09
N ALA B 35 -11.61 18.89 -16.12
CA ALA B 35 -10.48 19.41 -16.90
C ALA B 35 -9.15 19.07 -16.25
N VAL B 36 -9.05 19.22 -14.93
CA VAL B 36 -7.87 18.75 -14.21
C VAL B 36 -7.69 17.25 -14.43
N ASP B 37 -8.76 16.48 -14.24
CA ASP B 37 -8.67 15.03 -14.29
C ASP B 37 -8.23 14.54 -15.66
N GLY B 38 -8.74 15.16 -16.73
CA GLY B 38 -8.37 14.73 -18.07
C GLY B 38 -6.89 14.90 -18.35
N ALA B 39 -6.30 15.96 -17.82
CA ALA B 39 -4.91 16.30 -18.09
C ALA B 39 -3.92 15.64 -17.12
N HIS B 40 -4.27 15.46 -15.85
CA HIS B 40 -3.26 15.11 -14.86
C HIS B 40 -3.50 13.82 -14.06
N LEU B 41 -4.64 13.14 -14.20
CA LEU B 41 -4.97 12.04 -13.30
C LEU B 41 -5.05 10.71 -14.05
N TRP B 42 -4.17 9.78 -13.71
CA TRP B 42 -4.35 8.38 -14.08
C TRP B 42 -5.49 7.77 -13.26
N HIS B 43 -6.23 6.82 -13.87
CA HIS B 43 -7.27 6.06 -13.17
C HIS B 43 -6.92 4.58 -13.17
N PRO B 44 -7.68 3.68 -12.54
CA PRO B 44 -7.25 2.26 -12.53
C PRO B 44 -7.25 1.69 -13.94
N TYR B 45 -6.08 1.17 -14.36
CA TYR B 45 -5.93 0.51 -15.65
C TYR B 45 -6.43 1.40 -16.79
N SER B 46 -5.95 2.64 -16.79
CA SER B 46 -6.44 3.68 -17.70
C SER B 46 -5.30 4.26 -18.51
N SER B 47 -5.69 5.07 -19.48
CA SER B 47 -4.74 5.83 -20.26
C SER B 47 -4.72 7.25 -19.73
N ILE B 48 -3.83 8.07 -20.29
CA ILE B 48 -3.92 9.52 -20.21
C ILE B 48 -4.21 9.99 -21.63
N GLY B 49 -5.35 10.67 -21.82
CA GLY B 49 -5.69 11.27 -23.09
C GLY B 49 -6.43 10.38 -24.09
N ARG B 50 -6.48 9.06 -23.87
CA ARG B 50 -7.15 8.15 -24.79
C ARG B 50 -8.35 7.48 -24.15
N GLU B 51 -8.99 8.14 -23.20
CA GLU B 51 -10.18 7.60 -22.54
C GLU B 51 -11.39 7.73 -23.47
N ALA B 52 -12.10 6.63 -23.68
CA ALA B 52 -13.29 6.67 -24.52
C ALA B 52 -14.39 7.50 -23.88
N VAL B 53 -14.63 7.32 -22.57
CA VAL B 53 -15.63 8.06 -21.83
C VAL B 53 -14.97 8.71 -20.61
N SER B 54 -15.35 9.95 -20.33
CA SER B 54 -14.82 10.65 -19.17
C SER B 54 -15.33 10.03 -17.88
N PRO B 55 -14.60 10.19 -16.78
CA PRO B 55 -15.15 9.80 -15.48
C PRO B 55 -16.27 10.74 -15.09
N VAL B 56 -17.22 10.22 -14.31
CA VAL B 56 -18.32 11.02 -13.78
C VAL B 56 -17.87 11.63 -12.45
N VAL B 57 -18.14 12.92 -12.27
CA VAL B 57 -17.74 13.61 -11.04
C VAL B 57 -18.62 13.18 -9.88
N ALA B 58 -17.99 12.76 -8.79
CA ALA B 58 -18.69 12.39 -7.56
C ALA B 58 -18.51 13.50 -6.54
N VAL B 59 -19.61 13.91 -5.91
CA VAL B 59 -19.59 15.03 -4.96
C VAL B 59 -20.06 14.65 -3.57
N ALA B 60 -20.65 13.47 -3.37
CA ALA B 60 -21.12 13.09 -2.06
C ALA B 60 -21.39 11.59 -2.07
N ALA B 61 -21.33 11.00 -0.89
CA ALA B 61 -21.70 9.61 -0.71
C ALA B 61 -22.26 9.42 0.69
N HIS B 62 -23.47 8.87 0.78
CA HIS B 62 -24.16 8.66 2.05
C HIS B 62 -25.00 7.38 2.00
N GLY B 63 -24.84 6.53 3.01
CA GLY B 63 -25.49 5.22 2.99
C GLY B 63 -25.13 4.50 1.70
N ALA B 64 -26.14 3.94 1.03
CA ALA B 64 -25.90 3.20 -0.20
C ALA B 64 -25.87 4.08 -1.46
N TRP B 65 -25.85 5.39 -1.31
CA TRP B 65 -26.10 6.32 -2.41
C TRP B 65 -24.90 7.22 -2.66
N LEU B 66 -24.58 7.38 -3.94
CA LEU B 66 -23.60 8.33 -4.42
C LEU B 66 -24.33 9.50 -5.05
N THR B 67 -23.82 10.71 -4.84
CA THR B 67 -24.31 11.89 -5.55
C THR B 67 -23.32 12.18 -6.66
N LEU B 68 -23.74 12.00 -7.90
CA LEU B 68 -22.92 12.22 -9.07
C LEU B 68 -23.47 13.40 -9.86
N ILE B 69 -22.60 14.00 -10.67
CA ILE B 69 -22.96 15.17 -11.48
C ILE B 69 -23.19 14.70 -12.90
N ARG B 70 -24.43 14.80 -13.37
CA ARG B 70 -24.76 14.38 -14.71
C ARG B 70 -25.42 15.55 -15.43
N ASP B 71 -24.76 16.04 -16.48
CA ASP B 71 -25.20 17.23 -17.21
C ASP B 71 -25.38 18.43 -16.28
N GLY B 72 -24.37 18.67 -15.46
CA GLY B 72 -24.42 19.75 -14.48
C GLY B 72 -25.41 19.57 -13.35
N GLN B 73 -26.14 18.46 -13.29
CA GLN B 73 -27.18 18.23 -12.29
C GLN B 73 -26.77 17.13 -11.31
N PRO B 74 -26.81 17.39 -10.01
CA PRO B 74 -26.53 16.32 -9.03
C PRO B 74 -27.67 15.31 -8.99
N ILE B 75 -27.30 14.02 -9.06
CA ILE B 75 -28.26 12.93 -9.05
C ILE B 75 -27.77 11.87 -8.07
N GLU B 76 -28.71 11.27 -7.35
CA GLU B 76 -28.39 10.23 -6.37
C GLU B 76 -28.62 8.86 -7.01
N VAL B 77 -27.59 8.02 -6.96
CA VAL B 77 -27.66 6.69 -7.56
C VAL B 77 -27.12 5.68 -6.55
N LEU B 78 -27.57 4.44 -6.68
CA LEU B 78 -27.17 3.39 -5.77
C LEU B 78 -25.77 2.90 -6.13
N ASP B 79 -24.90 2.80 -5.12
CA ASP B 79 -23.53 2.31 -5.30
C ASP B 79 -23.62 0.78 -5.29
N ALA B 80 -23.98 0.23 -6.45
CA ALA B 80 -24.17 -1.22 -6.58
C ALA B 80 -22.85 -1.99 -6.54
N MET B 81 -21.71 -1.32 -6.74
CA MET B 81 -20.39 -1.94 -6.68
C MET B 81 -19.77 -1.90 -5.28
N SER B 82 -20.45 -1.29 -4.31
CA SER B 82 -19.87 -1.00 -2.98
C SER B 82 -18.52 -0.28 -3.09
N SER B 83 -18.39 0.59 -4.10
CA SER B 83 -17.13 1.27 -4.40
C SER B 83 -15.97 0.28 -4.42
N TRP B 84 -16.14 -0.74 -5.28
CA TRP B 84 -15.14 -1.78 -5.50
C TRP B 84 -14.94 -2.64 -4.24
N TRP B 85 -16.04 -3.24 -3.79
CA TRP B 85 -16.10 -4.22 -2.70
C TRP B 85 -15.87 -3.62 -1.32
N THR B 86 -15.76 -2.30 -1.17
CA THR B 86 -15.32 -1.75 0.09
C THR B 86 -16.45 -1.31 1.04
N ALA B 87 -17.53 -0.71 0.56
CA ALA B 87 -18.47 -0.01 1.44
C ALA B 87 -19.56 -0.95 1.93
N ILE B 88 -19.15 -1.94 2.74
CA ILE B 88 -20.10 -2.97 3.15
C ILE B 88 -21.19 -2.39 4.05
N HIS B 89 -20.89 -1.33 4.82
CA HIS B 89 -21.87 -0.68 5.68
C HIS B 89 -22.45 0.58 5.08
N GLY B 90 -22.22 0.83 3.78
CA GLY B 90 -22.56 2.10 3.20
C GLY B 90 -21.60 3.21 3.60
N HIS B 91 -21.72 4.35 2.92
CA HIS B 91 -20.83 5.47 3.15
C HIS B 91 -21.36 6.32 4.31
N GLY B 92 -20.44 6.97 5.02
CA GLY B 92 -20.87 7.90 6.06
C GLY B 92 -21.73 7.26 7.13
N HIS B 93 -21.44 6.02 7.48
CA HIS B 93 -22.14 5.36 8.57
C HIS B 93 -21.77 6.02 9.89
N PRO B 94 -22.74 6.32 10.77
CA PRO B 94 -22.41 7.12 11.95
C PRO B 94 -21.48 6.40 12.92
N ALA B 95 -21.56 5.08 13.01
CA ALA B 95 -20.67 4.38 13.94
C ALA B 95 -19.23 4.49 13.48
N LEU B 96 -19.01 4.49 12.16
CA LEU B 96 -17.65 4.54 11.61
C LEU B 96 -17.11 5.96 11.54
N ASP B 97 -17.93 6.92 11.13
CA ASP B 97 -17.57 8.32 11.29
C ASP B 97 -17.15 8.61 12.72
N GLN B 98 -17.95 8.14 13.68
CA GLN B 98 -17.70 8.44 15.09
C GLN B 98 -16.36 7.86 15.54
N ALA B 99 -16.09 6.61 15.16
CA ALA B 99 -14.83 5.98 15.57
C ALA B 99 -13.64 6.74 15.00
N LEU B 100 -13.75 7.18 13.75
CA LEU B 100 -12.69 7.98 13.14
C LEU B 100 -12.42 9.24 13.95
N THR B 101 -13.43 10.09 14.11
CA THR B 101 -13.27 11.37 14.80
C THR B 101 -12.81 11.18 16.25
N THR B 102 -13.31 10.13 16.92
CA THR B 102 -12.84 9.85 18.28
C THR B 102 -11.33 9.59 18.29
N GLN B 103 -10.85 8.70 17.42
CA GLN B 103 -9.41 8.42 17.40
C GLN B 103 -8.62 9.65 16.98
N LEU B 104 -9.16 10.46 16.07
CA LEU B 104 -8.45 11.66 15.64
C LEU B 104 -8.19 12.61 16.81
N ARG B 105 -9.07 12.60 17.81
CA ARG B 105 -8.95 13.48 18.98
C ARG B 105 -7.76 13.11 19.87
N VAL B 106 -7.28 11.87 19.81
CA VAL B 106 -6.26 11.39 20.73
C VAL B 106 -4.94 11.08 20.02
N MET B 107 -4.96 10.42 18.85
CA MET B 107 -3.70 10.03 18.20
C MET B 107 -3.96 9.68 16.73
N ASN B 108 -3.45 10.52 15.82
CA ASN B 108 -3.65 10.28 14.39
C ASN B 108 -2.78 9.13 13.88
N HIS B 109 -1.54 9.05 14.35
CA HIS B 109 -0.58 8.07 13.87
C HIS B 109 0.66 8.16 14.75
N VAL B 110 1.29 7.02 14.95
CA VAL B 110 2.63 6.91 15.54
C VAL B 110 3.30 5.75 14.83
N MET B 111 4.62 5.85 14.70
CA MET B 111 5.38 4.78 14.07
C MET B 111 5.24 3.50 14.89
N PHE B 112 5.17 2.36 14.20
CA PHE B 112 4.98 1.07 14.86
C PHE B 112 6.29 0.40 15.25
N GLY B 113 7.43 0.99 14.89
CA GLY B 113 8.71 0.41 15.27
C GLY B 113 9.07 0.82 16.68
N GLY B 114 8.96 -0.12 17.64
CA GLY B 114 9.24 0.17 19.03
C GLY B 114 8.06 0.70 19.82
N LEU B 115 6.92 0.97 19.18
CA LEU B 115 5.70 1.41 19.84
C LEU B 115 4.55 0.47 19.54
N THR B 116 3.58 0.39 20.45
CA THR B 116 2.33 -0.27 20.15
C THR B 116 1.19 0.60 20.67
N HIS B 117 -0.04 0.24 20.31
CA HIS B 117 -1.15 1.10 20.68
C HIS B 117 -2.45 0.31 20.72
N GLU B 118 -3.45 0.92 21.35
CA GLU B 118 -4.73 0.23 21.57
C GLU B 118 -5.44 -0.15 20.27
N PRO B 119 -5.54 0.71 19.25
CA PRO B 119 -6.29 0.29 18.05
C PRO B 119 -5.68 -0.91 17.32
N ALA B 120 -4.36 -1.04 17.27
CA ALA B 120 -3.74 -2.25 16.74
C ALA B 120 -4.08 -3.47 17.59
N ALA B 121 -3.95 -3.35 18.91
CA ALA B 121 -4.18 -4.49 19.77
C ALA B 121 -5.63 -4.95 19.71
N ARG B 122 -6.57 -4.00 19.71
CA ARG B 122 -7.97 -4.35 19.60
C ARG B 122 -8.27 -5.04 18.26
N LEU B 123 -7.78 -4.45 17.17
CA LEU B 123 -8.07 -5.03 15.85
C LEU B 123 -7.46 -6.42 15.75
N ALA B 124 -6.19 -6.58 16.16
CA ALA B 124 -5.57 -7.89 16.02
C ALA B 124 -6.29 -8.94 16.85
N LYS B 125 -6.73 -8.57 18.06
CA LYS B 125 -7.46 -9.50 18.90
C LYS B 125 -8.77 -9.91 18.23
N LEU B 126 -9.48 -8.92 17.65
CA LEU B 126 -10.66 -9.21 16.83
C LEU B 126 -10.34 -10.17 15.69
N LEU B 127 -9.27 -9.89 14.93
CA LEU B 127 -9.00 -10.65 13.72
C LEU B 127 -8.58 -12.09 14.03
N VAL B 128 -7.79 -12.31 15.09
CA VAL B 128 -7.38 -13.67 15.38
C VAL B 128 -8.56 -14.49 15.90
N ASP B 129 -9.56 -13.82 16.48
CA ASP B 129 -10.69 -14.52 17.07
C ASP B 129 -11.73 -14.95 16.04
N ILE B 130 -11.94 -14.14 15.00
CA ILE B 130 -12.99 -14.41 14.01
C ILE B 130 -12.50 -15.06 12.74
N THR B 131 -11.18 -15.17 12.54
CA THR B 131 -10.65 -15.80 11.33
C THR B 131 -10.60 -17.31 11.51
N PRO B 132 -10.37 -18.06 10.43
CA PRO B 132 -10.21 -19.52 10.57
C PRO B 132 -9.20 -19.90 11.64
N ALA B 133 -9.48 -21.01 12.32
CA ALA B 133 -8.74 -21.35 13.54
C ALA B 133 -7.25 -21.52 13.26
N GLY B 134 -6.45 -21.17 14.26
CA GLY B 134 -5.02 -21.31 14.13
C GLY B 134 -4.28 -20.11 13.59
N LEU B 135 -4.97 -19.11 13.06
CA LEU B 135 -4.32 -17.89 12.57
C LEU B 135 -4.16 -16.95 13.76
N ASP B 136 -2.93 -16.85 14.28
CA ASP B 136 -2.71 -16.23 15.58
C ASP B 136 -1.80 -15.00 15.58
N THR B 137 -1.26 -14.57 14.44
CA THR B 137 -0.43 -13.37 14.37
C THR B 137 -0.87 -12.51 13.20
N VAL B 138 -0.72 -11.19 13.34
CA VAL B 138 -1.29 -10.22 12.41
C VAL B 138 -0.23 -9.22 11.97
N PHE B 139 0.00 -9.15 10.66
CA PHE B 139 0.89 -8.18 10.05
C PHE B 139 0.04 -7.17 9.29
N PHE B 140 -0.03 -5.94 9.80
CA PHE B 140 -0.80 -4.90 9.13
C PHE B 140 0.01 -4.25 8.02
N SER B 141 -0.66 -3.90 6.93
CA SER B 141 -0.03 -3.10 5.87
C SER B 141 -1.11 -2.22 5.26
N ASP B 142 -0.79 -1.61 4.12
CA ASP B 142 -1.64 -0.54 3.59
C ASP B 142 -2.45 -0.91 2.35
N SER B 143 -2.22 -2.07 1.75
CA SER B 143 -3.04 -2.43 0.59
C SER B 143 -2.99 -3.93 0.37
N GLY B 144 -4.00 -4.43 -0.37
CA GLY B 144 -4.11 -5.85 -0.61
C GLY B 144 -2.91 -6.43 -1.32
N SER B 145 -2.38 -5.69 -2.32
CA SER B 145 -1.21 -6.16 -3.04
C SER B 145 -0.04 -6.36 -2.10
N VAL B 146 0.23 -5.38 -1.25
CA VAL B 146 1.32 -5.50 -0.29
C VAL B 146 1.07 -6.69 0.65
N SER B 147 -0.17 -6.89 1.08
CA SER B 147 -0.41 -7.99 2.02
C SER B 147 -0.19 -9.35 1.36
N VAL B 148 -0.40 -9.42 0.04
CA VAL B 148 -0.11 -10.63 -0.71
C VAL B 148 1.39 -10.88 -0.79
N GLU B 149 2.17 -9.83 -1.07
CA GLU B 149 3.62 -9.92 -1.04
C GLU B 149 4.12 -10.32 0.34
N VAL B 150 3.51 -9.76 1.39
CA VAL B 150 3.87 -10.14 2.76
C VAL B 150 3.62 -11.63 3.00
N ALA B 151 2.49 -12.15 2.48
CA ALA B 151 2.21 -13.58 2.58
C ALA B 151 3.28 -14.41 1.87
N ALA B 152 3.65 -14.00 0.65
CA ALA B 152 4.70 -14.71 -0.06
C ALA B 152 6.00 -14.66 0.72
N LYS B 153 6.32 -13.49 1.29
CA LYS B 153 7.54 -13.38 2.10
C LYS B 153 7.50 -14.29 3.32
N MET B 154 6.35 -14.34 4.03
CA MET B 154 6.22 -15.27 5.14
C MET B 154 6.49 -16.69 4.70
N ALA B 155 5.90 -17.10 3.57
CA ALA B 155 6.05 -18.47 3.12
C ALA B 155 7.50 -18.76 2.73
N LEU B 156 8.13 -17.83 1.99
CA LEU B 156 9.54 -18.01 1.63
C LEU B 156 10.43 -18.08 2.87
N GLN B 157 10.28 -17.12 3.79
CA GLN B 157 11.11 -17.14 5.00
C GLN B 157 10.82 -18.37 5.87
N TYR B 158 9.58 -18.85 5.86
CA TYR B 158 9.29 -20.06 6.63
C TYR B 158 10.12 -21.24 6.14
N TRP B 159 10.23 -21.42 4.82
CA TRP B 159 10.98 -22.55 4.30
C TRP B 159 12.48 -22.35 4.42
N ARG B 160 12.95 -21.10 4.34
CA ARG B 160 14.37 -20.86 4.62
C ARG B 160 14.69 -21.10 6.08
N GLY B 161 13.75 -20.82 6.98
CA GLY B 161 13.91 -21.19 8.37
C GLY B 161 13.91 -22.69 8.61
N ARG B 162 13.44 -23.48 7.64
CA ARG B 162 13.47 -24.94 7.70
C ARG B 162 14.63 -25.53 6.91
N GLY B 163 15.57 -24.70 6.47
CA GLY B 163 16.68 -25.21 5.68
C GLY B 163 16.31 -25.68 4.28
N LEU B 164 15.18 -25.23 3.73
CA LEU B 164 14.74 -25.62 2.39
C LEU B 164 14.55 -24.38 1.51
N PRO B 165 15.63 -23.65 1.21
CA PRO B 165 15.47 -22.43 0.39
C PRO B 165 15.05 -22.70 -1.05
N GLY B 166 15.13 -23.96 -1.51
CA GLY B 166 14.62 -24.28 -2.84
C GLY B 166 13.11 -24.17 -2.97
N LYS B 167 12.39 -24.18 -1.85
CA LYS B 167 10.94 -24.03 -1.85
C LYS B 167 10.64 -22.53 -1.98
N ARG B 168 10.73 -22.03 -3.21
CA ARG B 168 10.55 -20.60 -3.45
C ARG B 168 9.57 -20.26 -4.56
N ARG B 169 8.96 -21.23 -5.23
CA ARG B 169 7.94 -20.93 -6.23
C ARG B 169 6.55 -21.01 -5.63
N LEU B 170 5.58 -20.48 -6.36
CA LEU B 170 4.19 -20.49 -5.96
C LEU B 170 3.37 -21.26 -6.99
N MET B 171 2.29 -21.88 -6.52
CA MET B 171 1.37 -22.58 -7.40
C MET B 171 -0.03 -22.03 -7.19
N THR B 172 -0.78 -21.86 -8.28
CA THR B 172 -2.17 -21.49 -8.17
C THR B 172 -2.95 -22.16 -9.31
N TRP B 173 -4.25 -21.87 -9.38
CA TRP B 173 -5.10 -22.28 -10.48
C TRP B 173 -5.51 -21.06 -11.28
N ARG B 174 -5.83 -21.28 -12.54
CA ARG B 174 -6.08 -20.15 -13.42
C ARG B 174 -7.35 -19.41 -12.99
N GLY B 175 -7.51 -18.19 -13.53
CA GLY B 175 -8.67 -17.37 -13.24
C GLY B 175 -8.54 -16.45 -12.03
N GLY B 176 -7.40 -16.47 -11.33
CA GLY B 176 -7.25 -15.70 -10.11
C GLY B 176 -6.73 -14.28 -10.32
N TYR B 177 -6.80 -13.51 -9.24
CA TYR B 177 -6.29 -12.15 -9.20
C TYR B 177 -5.82 -11.88 -7.77
N HIS B 178 -4.60 -11.33 -7.63
CA HIS B 178 -4.01 -11.14 -6.30
C HIS B 178 -3.32 -9.79 -6.15
N GLY B 179 -3.59 -8.84 -7.03
CA GLY B 179 -3.03 -7.51 -6.93
C GLY B 179 -2.10 -7.19 -8.08
N ASP B 180 -1.49 -6.00 -7.99
CA ASP B 180 -0.77 -5.40 -9.11
C ASP B 180 0.72 -5.20 -8.89
N THR B 181 1.25 -5.43 -7.70
CA THR B 181 2.70 -5.39 -7.55
C THR B 181 3.30 -6.65 -8.19
N PHE B 182 4.61 -6.64 -8.42
CA PHE B 182 5.15 -7.59 -9.40
C PHE B 182 5.10 -9.05 -8.91
N LEU B 183 5.19 -9.30 -7.60
CA LEU B 183 4.99 -10.69 -7.18
C LEU B 183 3.52 -11.07 -7.21
N ALA B 184 2.64 -10.14 -6.80
CA ALA B 184 1.21 -10.37 -6.91
C ALA B 184 0.81 -10.70 -8.35
N MET B 185 1.34 -9.96 -9.33
CA MET B 185 1.02 -10.20 -10.73
C MET B 185 1.36 -11.63 -11.14
N SER B 186 2.46 -12.19 -10.60
CA SER B 186 2.98 -13.44 -11.14
C SER B 186 2.03 -14.62 -10.88
N ILE B 187 1.08 -14.47 -9.96
CA ILE B 187 0.08 -15.50 -9.71
C ILE B 187 -1.30 -15.09 -10.19
N CYS B 188 -1.42 -13.95 -10.86
CA CYS B 188 -2.68 -13.62 -11.49
C CYS B 188 -2.85 -14.47 -12.75
N ASP B 189 -4.09 -14.61 -13.21
CA ASP B 189 -4.36 -15.37 -14.41
C ASP B 189 -3.49 -14.85 -15.56
N PRO B 190 -2.72 -15.72 -16.23
CA PRO B 190 -1.82 -15.24 -17.28
C PRO B 190 -2.53 -14.50 -18.42
N HIS B 191 -3.71 -14.96 -18.81
CA HIS B 191 -4.47 -14.26 -19.84
C HIS B 191 -5.11 -12.99 -19.27
N GLY B 192 -5.94 -13.14 -18.22
CA GLY B 192 -6.54 -11.96 -17.60
C GLY B 192 -5.50 -10.92 -17.18
N GLY B 193 -4.38 -11.36 -16.63
CA GLY B 193 -3.35 -10.43 -16.19
C GLY B 193 -2.38 -9.98 -17.26
N MET B 194 -2.65 -10.24 -18.54
CA MET B 194 -1.83 -9.72 -19.63
C MET B 194 -0.34 -10.07 -19.44
N HIS B 195 -0.07 -11.30 -19.00
CA HIS B 195 1.32 -11.69 -18.75
C HIS B 195 2.17 -11.68 -20.01
N SER B 196 1.52 -11.74 -21.18
CA SER B 196 2.23 -11.61 -22.45
C SER B 196 2.98 -10.30 -22.56
N LEU B 197 2.49 -9.26 -21.87
CA LEU B 197 3.17 -7.97 -21.83
C LEU B 197 4.37 -7.96 -20.90
N TRP B 198 4.55 -8.99 -20.06
CA TRP B 198 5.60 -8.98 -19.06
C TRP B 198 6.55 -10.17 -19.22
N THR B 199 6.71 -10.66 -20.45
CA THR B 199 7.67 -11.72 -20.75
C THR B 199 9.05 -11.34 -20.24
N ASP B 200 9.69 -12.28 -19.53
CA ASP B 200 11.03 -12.11 -18.97
C ASP B 200 11.08 -11.05 -17.87
N VAL B 201 9.97 -10.84 -17.18
CA VAL B 201 9.88 -9.84 -16.10
C VAL B 201 9.23 -10.47 -14.87
N LEU B 202 8.15 -11.21 -15.06
CA LEU B 202 7.46 -11.81 -13.94
C LEU B 202 8.12 -13.12 -13.53
N ALA B 203 8.10 -13.40 -12.24
CA ALA B 203 8.47 -14.75 -11.79
C ALA B 203 7.57 -15.77 -12.46
N ALA B 204 8.14 -16.95 -12.74
CA ALA B 204 7.43 -18.03 -13.42
C ALA B 204 6.83 -18.96 -12.37
N GLN B 205 5.51 -18.88 -12.18
CA GLN B 205 4.84 -19.69 -11.18
C GLN B 205 4.17 -20.89 -11.83
N VAL B 206 3.63 -21.78 -11.00
CA VAL B 206 2.96 -23.00 -11.44
C VAL B 206 1.46 -22.74 -11.51
N PHE B 207 0.86 -22.98 -12.67
CA PHE B 207 -0.58 -22.78 -12.89
C PHE B 207 -1.27 -24.12 -13.18
N ALA B 208 -2.27 -24.43 -12.39
CA ALA B 208 -3.24 -25.50 -12.66
C ALA B 208 -4.39 -24.94 -13.50
N PRO B 209 -5.16 -25.81 -14.17
CA PRO B 209 -6.26 -25.31 -15.00
C PRO B 209 -7.31 -24.56 -14.18
N GLN B 210 -8.15 -23.81 -14.88
CA GLN B 210 -9.28 -23.14 -14.24
C GLN B 210 -10.06 -24.11 -13.36
N VAL B 211 -10.30 -23.71 -12.12
CA VAL B 211 -11.10 -24.57 -11.24
C VAL B 211 -12.57 -24.51 -11.67
N PRO B 212 -13.22 -25.65 -11.91
CA PRO B 212 -14.62 -25.62 -12.38
C PRO B 212 -15.61 -25.20 -11.30
N ARG B 213 -16.82 -24.85 -11.75
CA ARG B 213 -17.88 -24.52 -10.80
C ARG B 213 -18.29 -25.74 -10.00
N ASP B 214 -18.71 -26.79 -10.68
CA ASP B 214 -19.17 -27.99 -10.01
C ASP B 214 -17.98 -28.83 -9.58
N TYR B 215 -18.18 -29.61 -8.52
CA TYR B 215 -17.11 -30.40 -7.96
C TYR B 215 -16.86 -31.64 -8.81
N ASP B 216 -15.61 -32.00 -8.91
CA ASP B 216 -15.22 -33.07 -9.80
C ASP B 216 -13.91 -33.63 -9.28
N PRO B 217 -13.97 -34.75 -8.55
CA PRO B 217 -12.77 -35.25 -7.87
C PRO B 217 -11.59 -35.46 -8.80
N ALA B 218 -11.81 -35.46 -10.12
CA ALA B 218 -10.73 -35.64 -11.08
C ALA B 218 -9.92 -34.36 -11.29
N TYR B 219 -10.53 -33.19 -11.14
CA TYR B 219 -9.75 -31.96 -11.13
C TYR B 219 -8.79 -31.96 -9.95
N SER B 220 -9.28 -32.34 -8.77
CA SER B 220 -8.43 -32.40 -7.57
C SER B 220 -7.30 -33.42 -7.75
N ALA B 221 -7.60 -34.59 -8.34
CA ALA B 221 -6.56 -35.58 -8.56
C ALA B 221 -5.50 -35.05 -9.51
N ALA B 222 -5.89 -34.26 -10.52
CA ALA B 222 -4.91 -33.71 -11.44
C ALA B 222 -4.16 -32.52 -10.83
N PHE B 223 -4.81 -31.77 -9.92
CA PHE B 223 -4.10 -30.74 -9.18
C PHE B 223 -2.99 -31.36 -8.35
N GLU B 224 -3.31 -32.43 -7.61
CA GLU B 224 -2.29 -33.09 -6.80
C GLU B 224 -1.17 -33.65 -7.67
N ALA B 225 -1.52 -34.24 -8.82
CA ALA B 225 -0.49 -34.79 -9.70
C ALA B 225 0.46 -33.71 -10.19
N GLN B 226 -0.10 -32.54 -10.53
CA GLN B 226 0.77 -31.44 -10.96
C GLN B 226 1.57 -30.90 -9.78
N LEU B 227 0.94 -30.76 -8.61
CA LEU B 227 1.69 -30.28 -7.45
C LEU B 227 2.82 -31.24 -7.07
N ALA B 228 2.59 -32.54 -7.25
CA ALA B 228 3.53 -33.53 -6.75
C ALA B 228 4.87 -33.47 -7.50
N GLN B 229 4.89 -32.98 -8.73
CA GLN B 229 6.15 -32.89 -9.44
C GLN B 229 6.86 -31.56 -9.21
N HIS B 230 6.24 -30.65 -8.45
CA HIS B 230 6.86 -29.37 -8.13
C HIS B 230 7.00 -29.18 -6.62
N ALA B 231 6.69 -30.21 -5.83
CA ALA B 231 6.59 -30.02 -4.38
C ALA B 231 7.88 -29.46 -3.79
N GLY B 232 9.03 -29.99 -4.21
CA GLY B 232 10.28 -29.59 -3.61
C GLY B 232 10.71 -28.17 -3.96
N GLU B 233 10.09 -27.55 -4.97
CA GLU B 233 10.33 -26.15 -5.27
C GLU B 233 9.15 -25.24 -4.91
N LEU B 234 8.11 -25.75 -4.27
CA LEU B 234 6.93 -24.95 -3.98
C LEU B 234 6.96 -24.51 -2.53
N ALA B 235 6.90 -23.19 -2.30
CA ALA B 235 6.70 -22.64 -0.97
C ALA B 235 5.22 -22.66 -0.57
N ALA B 236 4.32 -22.41 -1.53
CA ALA B 236 2.93 -22.21 -1.16
C ALA B 236 2.03 -22.38 -2.39
N VAL B 237 0.81 -22.85 -2.11
CA VAL B 237 -0.33 -22.73 -3.01
C VAL B 237 -1.12 -21.49 -2.58
N VAL B 238 -1.46 -20.63 -3.55
CA VAL B 238 -2.15 -19.37 -3.29
C VAL B 238 -3.42 -19.34 -4.13
N VAL B 239 -4.59 -19.20 -3.49
CA VAL B 239 -5.86 -19.15 -4.19
C VAL B 239 -6.82 -18.18 -3.49
N GLU B 240 -7.77 -17.65 -4.26
CA GLU B 240 -8.98 -17.02 -3.70
C GLU B 240 -9.99 -18.12 -3.36
N PRO B 241 -10.47 -18.20 -2.13
CA PRO B 241 -11.40 -19.28 -1.76
C PRO B 241 -12.83 -19.00 -2.21
N VAL B 242 -13.41 -19.94 -2.95
CA VAL B 242 -14.83 -20.00 -3.33
C VAL B 242 -15.21 -19.01 -4.43
N VAL B 243 -14.75 -17.76 -4.35
CA VAL B 243 -15.10 -16.73 -5.33
C VAL B 243 -13.82 -16.09 -5.86
N GLN B 244 -13.65 -16.14 -7.17
CA GLN B 244 -12.58 -15.42 -7.88
C GLN B 244 -13.16 -14.12 -8.40
N GLY B 245 -12.59 -13.00 -7.95
CA GLY B 245 -13.12 -11.69 -8.30
C GLY B 245 -12.71 -11.15 -9.67
N ALA B 246 -11.68 -10.30 -9.68
CA ALA B 246 -11.30 -9.53 -10.87
C ALA B 246 -10.98 -10.42 -12.07
N GLY B 247 -10.57 -11.66 -11.84
CA GLY B 247 -10.27 -12.58 -12.92
C GLY B 247 -11.46 -13.25 -13.60
N GLY B 248 -12.69 -12.96 -13.18
CA GLY B 248 -13.84 -13.57 -13.85
C GLY B 248 -15.14 -13.73 -13.06
N MET B 249 -15.18 -13.26 -11.81
CA MET B 249 -16.39 -13.39 -10.98
C MET B 249 -16.95 -14.81 -11.06
N ARG B 250 -16.06 -15.78 -10.90
CA ARG B 250 -16.39 -17.20 -10.99
C ARG B 250 -16.52 -17.76 -9.58
N PHE B 251 -17.49 -18.66 -9.39
CA PHE B 251 -17.67 -19.38 -8.15
C PHE B 251 -17.21 -20.82 -8.35
N HIS B 252 -16.81 -21.47 -7.26
CA HIS B 252 -16.40 -22.87 -7.35
C HIS B 252 -16.75 -23.59 -6.04
N ASP B 253 -16.91 -24.90 -6.15
CA ASP B 253 -17.44 -25.68 -5.03
C ASP B 253 -16.46 -25.63 -3.85
N PRO B 254 -16.92 -25.29 -2.65
CA PRO B 254 -15.96 -25.14 -1.54
C PRO B 254 -15.22 -26.42 -1.19
N ARG B 255 -15.71 -27.59 -1.63
CA ARG B 255 -15.01 -28.85 -1.37
C ARG B 255 -13.63 -28.87 -2.01
N TYR B 256 -13.44 -28.14 -3.10
CA TYR B 256 -12.11 -27.98 -3.67
C TYR B 256 -11.10 -27.44 -2.64
N LEU B 257 -11.51 -26.50 -1.79
CA LEU B 257 -10.60 -26.00 -0.76
C LEU B 257 -10.27 -27.07 0.27
N HIS B 258 -11.20 -27.98 0.55
CA HIS B 258 -10.92 -29.10 1.44
C HIS B 258 -9.87 -30.02 0.85
N ASP B 259 -9.91 -30.21 -0.48
CA ASP B 259 -8.91 -31.04 -1.13
C ASP B 259 -7.55 -30.35 -1.15
N LEU B 260 -7.55 -29.03 -1.36
CA LEU B 260 -6.31 -28.26 -1.34
C LEU B 260 -5.63 -28.35 0.02
N ARG B 261 -6.42 -28.27 1.09
CA ARG B 261 -5.87 -28.38 2.44
C ARG B 261 -5.22 -29.73 2.64
N ASP B 262 -5.80 -30.79 2.07
CA ASP B 262 -5.26 -32.11 2.25
C ASP B 262 -4.01 -32.32 1.43
N ILE B 263 -4.05 -31.91 0.15
CA ILE B 263 -2.86 -31.97 -0.70
C ILE B 263 -1.71 -31.20 -0.08
N CYS B 264 -1.98 -29.99 0.43
CA CYS B 264 -0.88 -29.17 0.96
C CYS B 264 -0.28 -29.79 2.21
N ARG B 265 -1.14 -30.32 3.09
CA ARG B 265 -0.66 -30.99 4.30
C ARG B 265 0.24 -32.17 3.95
N ARG B 266 -0.20 -33.00 3.02
CA ARG B 266 0.55 -34.22 2.71
C ARG B 266 1.85 -33.92 1.97
N TYR B 267 1.90 -32.87 1.17
CA TYR B 267 3.11 -32.57 0.41
C TYR B 267 3.98 -31.52 1.05
N GLU B 268 3.56 -30.98 2.20
CA GLU B 268 4.31 -29.95 2.92
C GLU B 268 4.56 -28.72 2.04
N VAL B 269 3.46 -28.18 1.55
CA VAL B 269 3.41 -26.88 0.90
C VAL B 269 2.41 -26.04 1.70
N LEU B 270 2.78 -24.81 2.01
CA LEU B 270 1.86 -23.98 2.78
C LEU B 270 0.65 -23.61 1.92
N LEU B 271 -0.47 -23.36 2.59
CA LEU B 271 -1.71 -22.97 1.92
C LEU B 271 -2.06 -21.53 2.27
N ILE B 272 -2.30 -20.70 1.26
CA ILE B 272 -2.52 -19.28 1.43
C ILE B 272 -3.85 -18.92 0.79
N PHE B 273 -4.75 -18.33 1.60
CA PHE B 273 -6.05 -17.89 1.13
C PHE B 273 -6.03 -16.38 0.98
N ASP B 274 -6.31 -15.90 -0.22
CA ASP B 274 -6.45 -14.47 -0.48
C ASP B 274 -7.93 -14.11 -0.35
N GLU B 275 -8.33 -13.66 0.84
CA GLU B 275 -9.69 -13.22 1.12
C GLU B 275 -9.84 -11.71 1.07
N ILE B 276 -8.99 -11.03 0.30
CA ILE B 276 -9.07 -9.57 0.19
C ILE B 276 -10.40 -9.12 -0.41
N ALA B 277 -10.97 -9.89 -1.33
CA ALA B 277 -12.32 -9.59 -1.80
C ALA B 277 -13.42 -10.33 -1.02
N THR B 278 -13.18 -11.56 -0.60
CA THR B 278 -14.24 -12.39 -0.03
C THR B 278 -14.49 -12.16 1.45
N GLY B 279 -13.70 -11.33 2.12
CA GLY B 279 -13.77 -11.26 3.57
C GLY B 279 -15.01 -10.55 4.07
N PHE B 280 -15.27 -10.77 5.37
CA PHE B 280 -16.24 -10.01 6.13
C PHE B 280 -17.65 -10.13 5.55
N GLY B 281 -18.07 -11.38 5.34
CA GLY B 281 -19.45 -11.70 5.08
C GLY B 281 -19.86 -11.72 3.63
N ARG B 282 -19.01 -11.23 2.72
CA ARG B 282 -19.46 -10.90 1.36
C ARG B 282 -20.07 -12.10 0.64
N THR B 283 -19.59 -13.32 0.91
CA THR B 283 -20.08 -14.51 0.22
C THR B 283 -21.08 -15.33 1.05
N GLY B 284 -21.61 -14.79 2.13
CA GLY B 284 -22.56 -15.52 2.94
C GLY B 284 -21.97 -16.19 4.15
N ALA B 285 -20.66 -16.37 4.18
CA ALA B 285 -19.94 -16.75 5.37
C ALA B 285 -19.04 -15.60 5.75
N LEU B 286 -18.67 -15.55 7.04
CA LEU B 286 -17.81 -14.47 7.53
C LEU B 286 -16.53 -14.41 6.71
N PHE B 287 -15.88 -15.56 6.53
CA PHE B 287 -14.80 -15.68 5.57
C PHE B 287 -15.12 -16.86 4.67
N ALA B 288 -14.81 -16.72 3.39
CA ALA B 288 -15.24 -17.72 2.43
C ALA B 288 -14.62 -19.09 2.73
N ALA B 289 -13.46 -19.11 3.39
CA ALA B 289 -12.89 -20.38 3.84
C ALA B 289 -13.85 -21.13 4.77
N ASP B 290 -14.73 -20.40 5.47
CA ASP B 290 -15.69 -21.05 6.37
C ASP B 290 -16.68 -21.94 5.62
N HIS B 291 -16.91 -21.68 4.32
CA HIS B 291 -17.77 -22.54 3.51
C HIS B 291 -17.21 -23.95 3.43
N ALA B 292 -15.89 -24.12 3.58
CA ALA B 292 -15.26 -25.44 3.54
C ALA B 292 -14.74 -25.91 4.90
N GLY B 293 -14.80 -25.07 5.93
CA GLY B 293 -14.19 -25.43 7.20
C GLY B 293 -12.67 -25.49 7.18
N VAL B 294 -12.02 -24.88 6.19
CA VAL B 294 -10.57 -24.97 6.01
C VAL B 294 -9.90 -23.80 6.72
N SER B 295 -8.75 -24.07 7.35
CA SER B 295 -7.86 -23.01 7.81
C SER B 295 -6.62 -23.00 6.94
N PRO B 296 -6.29 -21.89 6.29
CA PRO B 296 -5.00 -21.79 5.60
C PRO B 296 -3.88 -21.57 6.61
N ASP B 297 -2.65 -21.79 6.16
CA ASP B 297 -1.52 -21.42 6.99
C ASP B 297 -1.33 -19.91 7.02
N ILE B 298 -1.69 -19.23 5.93
CA ILE B 298 -1.57 -17.79 5.77
C ILE B 298 -2.82 -17.26 5.08
N MET B 299 -3.26 -16.06 5.47
CA MET B 299 -4.49 -15.49 4.95
C MET B 299 -4.38 -13.97 4.86
N CYS B 300 -4.84 -13.40 3.73
CA CYS B 300 -4.87 -11.95 3.53
C CYS B 300 -6.30 -11.42 3.54
N VAL B 301 -6.47 -10.24 4.14
CA VAL B 301 -7.75 -9.52 4.14
C VAL B 301 -7.46 -8.06 3.83
N GLY B 302 -8.49 -7.36 3.36
CA GLY B 302 -8.29 -6.00 2.86
C GLY B 302 -9.47 -5.10 2.53
N LYS B 303 -10.09 -5.31 1.37
CA LYS B 303 -11.06 -4.31 0.81
C LYS B 303 -12.13 -3.85 1.78
N ALA B 304 -12.76 -4.74 2.54
CA ALA B 304 -13.86 -4.34 3.43
C ALA B 304 -13.42 -4.17 4.88
N LEU B 305 -12.12 -4.33 5.13
CA LEU B 305 -11.58 -4.28 6.47
C LEU B 305 -11.96 -2.99 7.21
N THR B 306 -11.88 -1.85 6.53
CA THR B 306 -12.26 -0.57 7.14
C THR B 306 -13.69 -0.16 6.85
N GLY B 307 -14.47 -0.98 6.17
CA GLY B 307 -15.78 -0.50 5.75
C GLY B 307 -15.68 0.55 4.68
N GLY B 308 -14.64 0.49 3.87
CA GLY B 308 -14.52 1.41 2.75
C GLY B 308 -14.06 2.79 3.11
N TYR B 309 -13.60 3.03 4.35
CA TYR B 309 -13.16 4.37 4.71
C TYR B 309 -11.72 4.62 4.26
N LEU B 310 -10.80 3.74 4.65
CA LEU B 310 -9.38 4.01 4.51
C LEU B 310 -8.68 2.76 4.02
N SER B 311 -7.48 2.97 3.47
CA SER B 311 -6.69 1.86 2.97
C SER B 311 -6.09 1.09 4.14
N LEU B 312 -6.38 -0.21 4.22
CA LEU B 312 -5.78 -1.04 5.26
C LEU B 312 -5.85 -2.49 4.82
N ALA B 313 -4.87 -3.28 5.24
CA ALA B 313 -4.88 -4.69 4.92
C ALA B 313 -4.13 -5.45 6.00
N ALA B 314 -4.33 -6.77 6.03
CA ALA B 314 -3.73 -7.59 7.07
C ALA B 314 -3.35 -8.95 6.48
N THR B 315 -2.22 -9.47 6.94
CA THR B 315 -1.80 -10.83 6.66
C THR B 315 -1.73 -11.56 7.99
N LEU B 316 -2.37 -12.72 8.07
CA LEU B 316 -2.32 -13.55 9.27
C LEU B 316 -1.57 -14.84 8.97
N CYS B 317 -0.81 -15.35 9.95
CA CYS B 317 -0.22 -16.68 9.87
C CYS B 317 -0.37 -17.42 11.20
N THR B 318 -0.15 -18.72 11.15
CA THR B 318 -0.18 -19.55 12.35
C THR B 318 1.05 -19.29 13.22
N ALA B 319 0.94 -19.68 14.50
CA ALA B 319 2.08 -19.58 15.39
C ALA B 319 3.27 -20.37 14.87
N ASP B 320 3.00 -21.53 14.25
CA ASP B 320 4.07 -22.33 13.65
C ASP B 320 4.88 -21.54 12.62
N VAL B 321 4.18 -20.87 11.69
CA VAL B 321 4.89 -20.07 10.68
C VAL B 321 5.66 -18.95 11.36
N ALA B 322 5.00 -18.23 12.27
CA ALA B 322 5.64 -17.10 12.93
C ALA B 322 6.89 -17.52 13.68
N HIS B 323 6.80 -18.64 14.42
CA HIS B 323 7.93 -19.07 15.24
C HIS B 323 9.08 -19.61 14.40
N THR B 324 8.76 -20.21 13.24
CA THR B 324 9.82 -20.68 12.34
C THR B 324 10.53 -19.52 11.69
N ILE B 325 9.78 -18.51 11.25
CA ILE B 325 10.41 -17.30 10.73
C ILE B 325 11.30 -16.67 11.81
N SER B 326 10.76 -16.55 13.02
CA SER B 326 11.48 -15.87 14.11
C SER B 326 12.71 -16.64 14.60
N ALA B 327 12.76 -17.96 14.39
CA ALA B 327 13.92 -18.73 14.79
C ALA B 327 14.93 -18.91 13.67
N GLY B 328 14.59 -18.53 12.44
CA GLY B 328 15.49 -18.69 11.31
C GLY B 328 16.64 -17.70 11.37
N ALA B 329 17.49 -17.80 10.35
CA ALA B 329 18.72 -17.00 10.34
C ALA B 329 18.44 -15.51 10.25
N ALA B 330 17.32 -15.12 9.63
CA ALA B 330 16.97 -13.70 9.62
C ALA B 330 16.52 -13.23 10.99
N GLY B 331 15.88 -14.10 11.76
CA GLY B 331 15.38 -13.76 13.07
C GLY B 331 14.13 -12.91 13.08
N ALA B 332 13.58 -12.57 11.91
CA ALA B 332 12.45 -11.65 11.85
C ALA B 332 11.86 -11.74 10.45
N LEU B 333 10.66 -11.20 10.29
CA LEU B 333 10.04 -11.01 8.98
C LEU B 333 10.54 -9.70 8.40
N MET B 334 11.14 -9.77 7.21
CA MET B 334 11.89 -8.63 6.69
C MET B 334 10.95 -7.73 5.88
N HIS B 335 10.06 -7.05 6.61
CA HIS B 335 9.03 -6.21 6.03
C HIS B 335 8.55 -5.23 7.09
N GLY B 336 8.28 -4.00 6.67
CA GLY B 336 7.79 -2.99 7.59
C GLY B 336 7.33 -1.72 6.92
N PRO B 337 6.03 -1.65 6.60
CA PRO B 337 5.49 -0.45 5.98
C PRO B 337 5.53 0.74 6.91
N THR B 338 5.72 1.91 6.30
CA THR B 338 5.81 3.17 7.03
C THR B 338 4.58 3.39 7.90
N PHE B 339 3.40 3.17 7.32
CA PHE B 339 2.16 3.39 8.05
C PHE B 339 1.60 2.13 8.67
N MET B 340 2.45 1.13 8.93
CA MET B 340 2.01 -0.12 9.55
C MET B 340 1.12 0.12 10.76
N ALA B 341 -0.05 -0.52 10.76
CA ALA B 341 -0.99 -0.48 11.89
C ALA B 341 -1.43 0.95 12.26
N ASN B 342 -1.52 1.85 11.26
CA ASN B 342 -2.04 3.22 11.41
C ASN B 342 -3.22 3.29 12.39
N PRO B 343 -3.07 4.01 13.50
CA PRO B 343 -4.18 4.14 14.46
C PRO B 343 -5.53 4.53 13.86
N LEU B 344 -5.57 5.48 12.92
CA LEU B 344 -6.88 5.88 12.38
C LEU B 344 -7.54 4.75 11.60
N ALA B 345 -6.79 4.14 10.67
CA ALA B 345 -7.33 3.02 9.91
C ALA B 345 -7.75 1.86 10.81
N CYS B 346 -6.93 1.53 11.82
CA CYS B 346 -7.31 0.43 12.71
C CYS B 346 -8.56 0.76 13.51
N ALA B 347 -8.69 2.01 13.96
CA ALA B 347 -9.82 2.39 14.78
C ALA B 347 -11.14 2.22 14.04
N VAL B 348 -11.22 2.72 12.81
CA VAL B 348 -12.45 2.56 12.03
C VAL B 348 -12.67 1.08 11.69
N SER B 349 -11.60 0.34 11.40
CA SER B 349 -11.74 -1.09 11.15
C SER B 349 -12.32 -1.82 12.36
N VAL B 350 -11.82 -1.52 13.57
CA VAL B 350 -12.39 -2.08 14.79
C VAL B 350 -13.90 -1.84 14.81
N ALA B 351 -14.32 -0.61 14.51
CA ALA B 351 -15.76 -0.29 14.54
C ALA B 351 -16.52 -1.01 13.42
N SER B 352 -15.94 -1.10 12.22
CA SER B 352 -16.62 -1.80 11.11
C SER B 352 -16.81 -3.28 11.44
N VAL B 353 -15.76 -3.93 11.95
CA VAL B 353 -15.86 -5.34 12.33
C VAL B 353 -16.84 -5.53 13.48
N GLU B 354 -16.78 -4.66 14.48
CA GLU B 354 -17.71 -4.77 15.60
C GLU B 354 -19.15 -4.55 15.14
N LEU B 355 -19.37 -3.55 14.29
CA LEU B 355 -20.70 -3.32 13.73
C LEU B 355 -21.23 -4.57 13.03
N LEU B 356 -20.38 -5.24 12.26
CA LEU B 356 -20.83 -6.41 11.52
C LEU B 356 -21.17 -7.56 12.46
N LEU B 357 -20.34 -7.78 13.47
CA LEU B 357 -20.57 -8.90 14.36
C LEU B 357 -21.72 -8.63 15.33
N GLY B 358 -22.06 -7.36 15.55
CA GLY B 358 -23.13 -6.93 16.43
C GLY B 358 -24.53 -7.09 15.88
N GLN B 359 -24.67 -7.34 14.58
CA GLN B 359 -25.96 -7.62 13.96
C GLN B 359 -25.99 -9.07 13.48
N ASP B 360 -27.17 -9.51 13.04
CA ASP B 360 -27.34 -10.85 12.48
C ASP B 360 -26.95 -10.81 11.01
N TRP B 361 -25.63 -10.65 10.77
CA TRP B 361 -25.14 -10.43 9.41
C TRP B 361 -25.49 -11.57 8.46
N ARG B 362 -25.59 -12.81 8.97
CA ARG B 362 -25.79 -13.95 8.08
C ARG B 362 -27.20 -13.96 7.49
N THR B 363 -28.19 -13.62 8.30
CA THR B 363 -29.54 -13.38 7.78
C THR B 363 -29.55 -12.22 6.80
N ARG B 364 -28.91 -11.10 7.16
CA ARG B 364 -28.82 -9.97 6.25
C ARG B 364 -28.29 -10.42 4.89
N ILE B 365 -27.16 -11.14 4.88
CA ILE B 365 -26.56 -11.57 3.62
C ILE B 365 -27.50 -12.53 2.89
N THR B 366 -28.12 -13.46 3.63
CA THR B 366 -29.06 -14.38 2.99
C THR B 366 -30.21 -13.63 2.32
N GLU B 367 -30.72 -12.59 2.98
CA GLU B 367 -31.79 -11.79 2.38
C GLU B 367 -31.30 -11.05 1.15
N LEU B 368 -30.06 -10.54 1.19
CA LEU B 368 -29.49 -9.90 0.01
C LEU B 368 -29.35 -10.89 -1.13
N ALA B 369 -28.93 -12.13 -0.82
CA ALA B 369 -28.71 -13.13 -1.86
C ALA B 369 -30.02 -13.47 -2.56
N ALA B 370 -31.08 -13.65 -1.78
CA ALA B 370 -32.37 -14.02 -2.34
C ALA B 370 -32.96 -12.88 -3.15
N GLY B 371 -32.70 -11.63 -2.74
CA GLY B 371 -33.13 -10.50 -3.55
C GLY B 371 -32.41 -10.45 -4.88
N LEU B 372 -31.09 -10.64 -4.86
CA LEU B 372 -30.32 -10.74 -6.10
C LEU B 372 -30.83 -11.90 -6.95
N THR B 373 -31.03 -13.07 -6.33
CA THR B 373 -31.47 -14.22 -7.11
C THR B 373 -32.85 -13.97 -7.74
N ALA B 374 -33.77 -13.40 -6.97
CA ALA B 374 -35.11 -13.15 -7.48
C ALA B 374 -35.08 -12.09 -8.56
N GLY B 375 -34.33 -11.00 -8.33
CA GLY B 375 -34.32 -9.89 -9.27
C GLY B 375 -33.59 -10.18 -10.57
N LEU B 376 -32.65 -11.12 -10.55
CA LEU B 376 -31.83 -11.45 -11.72
C LEU B 376 -32.38 -12.61 -12.56
N ASP B 377 -33.36 -13.36 -12.04
CA ASP B 377 -33.79 -14.56 -12.74
C ASP B 377 -34.27 -14.25 -14.15
N THR B 378 -34.97 -13.14 -14.33
CA THR B 378 -35.49 -12.81 -15.65
C THR B 378 -34.38 -12.64 -16.69
N ALA B 379 -33.15 -12.32 -16.27
CA ALA B 379 -32.07 -12.16 -17.24
C ALA B 379 -31.70 -13.45 -17.93
N ARG B 380 -31.97 -14.61 -17.32
CA ARG B 380 -31.59 -15.87 -17.94
C ARG B 380 -32.22 -16.04 -19.32
N ALA B 381 -33.41 -15.47 -19.53
CA ALA B 381 -34.11 -15.58 -20.81
C ALA B 381 -33.70 -14.50 -21.80
N LEU B 382 -32.82 -13.57 -21.41
CA LEU B 382 -32.35 -12.58 -22.38
C LEU B 382 -31.41 -13.26 -23.38
N PRO B 383 -31.39 -12.78 -24.63
CA PRO B 383 -30.69 -13.51 -25.68
C PRO B 383 -29.16 -13.44 -25.59
N ALA B 384 -28.59 -12.32 -25.13
CA ALA B 384 -27.14 -12.20 -25.03
C ALA B 384 -26.60 -12.70 -23.70
N VAL B 385 -27.43 -13.29 -22.86
CA VAL B 385 -27.00 -13.73 -21.54
C VAL B 385 -26.74 -15.23 -21.58
N THR B 386 -25.54 -15.62 -21.11
CA THR B 386 -25.14 -17.01 -21.03
C THR B 386 -25.22 -17.60 -19.62
N ASP B 387 -25.12 -16.77 -18.57
CA ASP B 387 -25.23 -17.30 -17.21
C ASP B 387 -25.64 -16.19 -16.26
N VAL B 388 -26.39 -16.59 -15.24
CA VAL B 388 -26.68 -15.75 -14.07
C VAL B 388 -26.29 -16.58 -12.86
N ARG B 389 -25.68 -15.95 -11.88
CA ARG B 389 -25.20 -16.67 -10.72
C ARG B 389 -25.10 -15.70 -9.56
N VAL B 390 -25.42 -16.19 -8.39
CA VAL B 390 -25.42 -15.39 -7.17
C VAL B 390 -24.68 -16.17 -6.10
N CYS B 391 -23.85 -15.49 -5.33
CA CYS B 391 -23.16 -16.13 -4.21
C CYS B 391 -23.03 -15.10 -3.09
N GLY B 392 -23.85 -15.26 -2.05
CA GLY B 392 -23.90 -14.24 -1.02
C GLY B 392 -24.39 -12.93 -1.58
N ALA B 393 -23.74 -11.84 -1.18
CA ALA B 393 -24.08 -10.52 -1.70
C ALA B 393 -23.31 -10.22 -2.99
N ILE B 394 -23.34 -11.17 -3.93
CA ILE B 394 -22.66 -11.05 -5.23
C ILE B 394 -23.60 -11.57 -6.31
N GLY B 395 -23.91 -10.73 -7.29
CA GLY B 395 -24.77 -11.14 -8.37
C GLY B 395 -24.13 -10.89 -9.71
N VAL B 396 -24.11 -11.89 -10.58
CA VAL B 396 -23.41 -11.81 -11.86
C VAL B 396 -24.35 -12.16 -13.01
N ILE B 397 -24.40 -11.28 -14.00
CA ILE B 397 -24.97 -11.57 -15.32
C ILE B 397 -23.82 -11.72 -16.30
N GLU B 398 -23.63 -12.92 -16.84
CA GLU B 398 -22.56 -13.23 -17.77
C GLU B 398 -23.09 -13.18 -19.19
N CYS B 399 -22.55 -12.29 -20.01
CA CYS B 399 -23.05 -12.10 -21.37
C CYS B 399 -22.15 -12.81 -22.38
N ASP B 400 -22.60 -12.84 -23.64
CA ASP B 400 -21.90 -13.51 -24.74
C ASP B 400 -21.00 -12.58 -25.53
N ARG B 401 -20.93 -11.31 -25.15
CA ARG B 401 -20.08 -10.34 -25.82
C ARG B 401 -19.56 -9.39 -24.76
N PRO B 402 -18.42 -8.75 -25.01
CA PRO B 402 -17.93 -7.72 -24.10
C PRO B 402 -18.95 -6.62 -23.96
N VAL B 403 -19.13 -6.13 -22.74
CA VAL B 403 -20.11 -5.08 -22.49
C VAL B 403 -19.48 -3.74 -22.80
N ASP B 404 -20.16 -2.94 -23.62
CA ASP B 404 -19.66 -1.60 -23.97
C ASP B 404 -19.97 -0.64 -22.82
N LEU B 405 -18.92 -0.18 -22.13
CA LEU B 405 -19.11 0.70 -20.99
C LEU B 405 -19.74 2.02 -21.38
N ALA B 406 -19.50 2.48 -22.61
CA ALA B 406 -20.07 3.75 -23.05
C ALA B 406 -21.58 3.65 -23.19
N VAL B 407 -22.10 2.45 -23.38
CA VAL B 407 -23.53 2.22 -23.34
C VAL B 407 -24.00 1.88 -21.94
N ALA B 408 -23.29 0.96 -21.26
CA ALA B 408 -23.80 0.40 -20.02
C ALA B 408 -23.83 1.43 -18.90
N THR B 409 -22.77 2.23 -18.75
CA THR B 409 -22.71 3.12 -17.59
C THR B 409 -23.81 4.17 -17.62
N PRO B 410 -24.02 4.94 -18.69
CA PRO B 410 -25.16 5.88 -18.67
C PRO B 410 -26.51 5.18 -18.63
N ALA B 411 -26.65 3.97 -19.19
CA ALA B 411 -27.91 3.25 -19.08
C ALA B 411 -28.25 2.96 -17.63
N ALA B 412 -27.27 2.58 -16.83
CA ALA B 412 -27.57 2.27 -15.44
C ALA B 412 -27.79 3.55 -14.64
N LEU B 413 -27.05 4.61 -14.96
CA LEU B 413 -27.32 5.90 -14.34
C LEU B 413 -28.73 6.38 -14.63
N ASP B 414 -29.22 6.15 -15.85
CA ASP B 414 -30.60 6.49 -16.20
C ASP B 414 -31.61 5.79 -15.29
N ARG B 415 -31.26 4.62 -14.74
CA ARG B 415 -32.16 3.88 -13.87
C ARG B 415 -31.73 3.97 -12.40
N GLY B 416 -30.92 4.98 -12.08
CA GLY B 416 -30.61 5.31 -10.71
C GLY B 416 -29.61 4.41 -10.03
N VAL B 417 -28.72 3.76 -10.79
CA VAL B 417 -27.77 2.80 -10.25
C VAL B 417 -26.39 3.09 -10.83
N TRP B 418 -25.36 3.11 -9.98
CA TRP B 418 -23.96 3.10 -10.42
C TRP B 418 -23.55 1.65 -10.64
N LEU B 419 -23.33 1.26 -11.89
CA LEU B 419 -22.85 -0.07 -12.26
C LEU B 419 -21.60 0.07 -13.10
N ARG B 420 -20.63 -0.83 -12.88
CA ARG B 420 -19.36 -0.82 -13.61
C ARG B 420 -19.10 -2.21 -14.18
N PRO B 421 -19.55 -2.49 -15.40
CA PRO B 421 -19.27 -3.79 -16.02
C PRO B 421 -17.79 -3.98 -16.25
N PHE B 422 -17.39 -5.24 -16.40
CA PHE B 422 -16.03 -5.61 -16.76
C PHE B 422 -16.08 -6.81 -17.70
N ARG B 423 -15.34 -6.73 -18.80
CA ARG B 423 -15.38 -7.76 -19.86
C ARG B 423 -16.84 -8.05 -20.18
N ASN B 424 -17.27 -9.31 -20.20
CA ASN B 424 -18.63 -9.65 -20.59
C ASN B 424 -19.59 -9.79 -19.40
N LEU B 425 -19.29 -9.17 -18.25
CA LEU B 425 -20.05 -9.39 -17.02
C LEU B 425 -20.72 -8.10 -16.56
N VAL B 426 -22.01 -8.20 -16.24
CA VAL B 426 -22.74 -7.18 -15.53
C VAL B 426 -22.99 -7.71 -14.13
N TYR B 427 -22.41 -7.06 -13.12
CA TYR B 427 -22.41 -7.67 -11.80
C TYR B 427 -22.49 -6.60 -10.72
N ALA B 428 -22.85 -7.05 -9.51
CA ALA B 428 -23.05 -6.17 -8.37
C ALA B 428 -22.52 -6.85 -7.11
N MET B 429 -21.92 -6.04 -6.22
CA MET B 429 -21.62 -6.41 -4.83
C MET B 429 -22.09 -5.28 -3.95
N PRO B 430 -23.40 -5.15 -3.73
CA PRO B 430 -23.93 -3.95 -3.09
C PRO B 430 -23.74 -3.95 -1.58
N PRO B 431 -23.90 -2.79 -0.94
CA PRO B 431 -23.71 -2.75 0.52
C PRO B 431 -24.74 -3.58 1.27
N TYR B 432 -24.33 -4.03 2.47
CA TYR B 432 -25.22 -4.88 3.27
C TYR B 432 -26.43 -4.11 3.77
N ILE B 433 -26.38 -2.77 3.74
CA ILE B 433 -27.46 -1.93 4.26
C ILE B 433 -28.51 -1.65 3.20
N CYS B 434 -28.39 -2.28 2.02
CA CYS B 434 -29.41 -2.11 0.98
C CYS B 434 -30.74 -2.75 1.39
N THR B 435 -31.81 -1.96 1.35
CA THR B 435 -33.15 -2.47 1.58
C THR B 435 -33.52 -3.40 0.43
N PRO B 436 -34.54 -4.25 0.64
CA PRO B 436 -34.98 -5.13 -0.45
C PRO B 436 -35.48 -4.37 -1.68
N ALA B 437 -36.13 -3.22 -1.48
CA ALA B 437 -36.50 -2.39 -2.62
C ALA B 437 -35.26 -1.85 -3.33
N GLU B 438 -34.22 -1.50 -2.58
CA GLU B 438 -33.01 -1.01 -3.23
C GLU B 438 -32.32 -2.13 -4.02
N ILE B 439 -32.32 -3.34 -3.48
CA ILE B 439 -31.71 -4.46 -4.20
C ILE B 439 -32.45 -4.70 -5.51
N THR B 440 -33.78 -4.58 -5.47
CA THR B 440 -34.57 -4.77 -6.69
C THR B 440 -34.29 -3.68 -7.71
N GLN B 441 -34.05 -2.45 -7.26
CA GLN B 441 -33.68 -1.39 -8.19
C GLN B 441 -32.34 -1.67 -8.86
N ILE B 442 -31.36 -2.14 -8.09
CA ILE B 442 -30.06 -2.56 -8.63
C ILE B 442 -30.23 -3.64 -9.69
N THR B 443 -30.84 -4.78 -9.33
CA THR B 443 -30.97 -5.88 -10.29
C THR B 443 -31.76 -5.45 -11.52
N SER B 444 -32.77 -4.59 -11.34
CA SER B 444 -33.53 -4.12 -12.49
C SER B 444 -32.65 -3.35 -13.46
N ALA B 445 -31.78 -2.49 -12.94
CA ALA B 445 -30.84 -1.81 -13.83
C ALA B 445 -29.88 -2.80 -14.47
N MET B 446 -29.52 -3.88 -13.76
CA MET B 446 -28.64 -4.89 -14.35
C MET B 446 -29.35 -5.63 -15.48
N VAL B 447 -30.62 -5.98 -15.29
CA VAL B 447 -31.36 -6.65 -16.37
C VAL B 447 -31.41 -5.74 -17.60
N GLU B 448 -31.66 -4.45 -17.39
CA GLU B 448 -31.82 -3.56 -18.54
C GLU B 448 -30.49 -3.30 -19.24
N VAL B 449 -29.38 -3.32 -18.51
CA VAL B 449 -28.07 -3.27 -19.17
C VAL B 449 -27.86 -4.52 -19.99
N ALA B 450 -28.15 -5.68 -19.40
CA ALA B 450 -28.04 -6.95 -20.13
C ALA B 450 -28.89 -6.94 -21.39
N ARG B 451 -30.09 -6.36 -21.31
CA ARG B 451 -30.98 -6.32 -22.47
C ARG B 451 -30.41 -5.43 -23.57
N LEU B 452 -29.84 -4.27 -23.18
CA LEU B 452 -29.21 -3.39 -24.17
C LEU B 452 -28.02 -4.06 -24.84
N VAL B 453 -27.26 -4.86 -24.09
CA VAL B 453 -26.12 -5.57 -24.64
C VAL B 453 -26.52 -6.36 -25.88
N GLY B 454 -27.66 -7.07 -25.79
CA GLY B 454 -28.10 -7.92 -26.89
C GLY B 454 -28.87 -7.24 -28.01
N SER B 455 -28.67 -5.93 -28.22
CA SER B 455 -29.40 -5.23 -29.27
C SER B 455 -28.66 -3.99 -29.78
N1 PLP C . 11.36 4.55 -0.77
C2 PLP C . 11.98 5.37 0.11
C2A PLP C . 13.13 6.27 -0.27
C3 PLP C . 11.54 5.38 1.52
O3 PLP C . 12.16 6.21 2.40
C4 PLP C . 10.40 4.50 1.93
C4A PLP C . 9.94 4.57 3.33
C5 PLP C . 9.80 3.65 0.87
C6 PLP C . 10.33 3.73 -0.43
C5A PLP C . 8.66 2.68 1.14
O4P PLP C . 7.46 3.28 1.63
P PLP C . 6.36 2.45 2.44
O1P PLP C . 7.02 2.07 3.75
O2P PLP C . 5.98 1.21 1.62
O3P PLP C . 5.23 3.44 2.54
C1 6SR D . 16.36 -2.03 7.68
C2 6SR D . 16.64 -2.00 6.20
C3 6SR D . 17.66 -1.21 5.71
C4 6SR D . 17.90 -1.26 4.34
C5 6SR D . 17.15 -2.05 3.51
C6 6SR D . 16.13 -2.85 3.98
C7 6SR D . 15.89 -2.82 5.36
O8 6SR D . 18.83 -0.58 3.60
C9 6SR D . 18.67 -0.96 2.22
O10 6SR D . 17.59 -1.90 2.23
O11 6SR D . 17.13 -2.63 8.41
N12 6SR D . 15.28 -1.47 8.20
C13 6SR D . 14.79 -1.99 9.48
C14 6SR D . 13.95 -1.00 10.27
N15 6SR D . 13.28 -0.02 9.39
C16 6SR D . 13.14 -0.48 8.00
C17 6SR D . 14.56 -0.41 7.50
C18 6SR D . 12.07 0.48 9.94
C19 6SR D . 12.07 0.84 11.29
C20 6SR D . 10.94 1.39 11.86
C21 6SR D . 9.84 1.56 11.04
C22 6SR D . 9.82 1.25 9.70
C23 6SR D . 10.95 0.70 9.11
C24 6SR D . 8.50 1.55 9.04
C25 6SR D . 7.61 2.12 10.18
C26 6SR D . 8.53 2.14 11.38
O27 6SR D . 8.25 2.59 12.49
C1 PGE E . 28.27 17.47 -0.39
O1 PGE E . 29.20 18.27 0.34
C2 PGE E . 27.23 16.87 0.54
O2 PGE E . 25.97 17.48 0.32
C3 PGE E . 24.86 16.78 0.84
C4 PGE E . 23.72 17.75 1.12
O4 PGE E . 22.74 22.04 -0.27
C6 PGE E . 23.14 20.82 -0.84
C5 PGE E . 22.74 19.67 0.09
O3 PGE E . 23.87 18.84 0.25
N1 PLP F . -6.31 -9.78 -3.96
C2 PLP F . -7.65 -9.90 -4.16
C2A PLP F . -8.37 -11.21 -4.10
C3 PLP F . -8.44 -8.70 -4.48
O3 PLP F . -9.78 -8.87 -4.67
C4 PLP F . -7.76 -7.39 -4.58
C4A PLP F . -8.57 -6.17 -4.85
C5 PLP F . -6.30 -7.38 -4.30
C6 PLP F . -5.66 -8.60 -4.03
C5A PLP F . -5.48 -6.13 -4.39
O4P PLP F . -5.72 -5.21 -3.33
P PLP F . -5.28 -3.66 -3.54
O1P PLP F . -3.77 -3.68 -3.64
O2P PLP F . -5.80 -3.04 -2.26
O3P PLP F . -5.97 -3.25 -4.81
C1 6SR G . -8.13 -6.06 -14.93
C2 6SR G . -7.36 -7.28 -14.50
C3 6SR G . -8.02 -8.48 -14.42
C4 6SR G . -7.28 -9.58 -14.05
C5 6SR G . -5.96 -9.50 -13.78
C6 6SR G . -5.25 -8.30 -13.86
C7 6SR G . -5.99 -7.18 -14.23
O8 6SR G . -7.71 -10.86 -13.89
C9 6SR G . -6.59 -11.67 -13.50
O10 6SR G . -5.50 -10.73 -13.45
O11 6SR G . -8.39 -5.96 -16.11
N12 6SR G . -8.53 -5.12 -14.09
C13 6SR G . -8.83 -3.80 -14.63
C14 6SR G . -10.02 -3.18 -13.93
N15 6SR G . -9.98 -3.39 -12.47
C16 6SR G . -8.74 -4.01 -11.99
C17 6SR G . -8.64 -5.37 -12.65
C18 6SR G . -10.36 -2.29 -11.67
C19 6SR G . -11.45 -1.47 -12.04
C20 6SR G . -11.88 -0.43 -11.23
C21 6SR G . -11.19 -0.25 -10.03
C22 6SR G . -10.16 -1.04 -9.64
C23 6SR G . -9.72 -2.08 -10.44
C24 6SR G . -9.58 -0.63 -8.30
C25 6SR G . -10.41 0.60 -7.87
C26 6SR G . -11.43 0.75 -8.96
O27 6SR G . -12.35 1.55 -8.97
C1 PGE H . -21.16 -25.64 -6.36
O1 PGE H . -22.48 -25.61 -6.88
C2 PGE H . -20.58 -24.26 -6.57
O2 PGE H . -20.64 -23.51 -5.37
C3 PGE H . -20.66 -22.12 -5.60
C4 PGE H . -20.41 -21.40 -4.28
O4 PGE H . -22.05 -22.90 -0.63
C6 PGE H . -21.03 -21.92 -0.86
C5 PGE H . -21.35 -21.19 -2.14
O3 PGE H . -21.06 -22.05 -3.21
#